data_7E0M
#
_entry.id   7E0M
#
_cell.length_a   78.780
_cell.length_b   97.570
_cell.length_c   117.030
_cell.angle_alpha   90.000
_cell.angle_beta   90.000
_cell.angle_gamma   90.000
#
_symmetry.space_group_name_H-M   'P 21 21 21'
#
loop_
_entity.id
_entity.type
_entity.pdbx_description
1 polymer Phospholipase
2 non-polymer 'SULFATE ION'
3 water water
#
_entity_poly.entity_id   1
_entity_poly.type   'polypeptide(L)'
_entity_poly.pdbx_seq_one_letter_code
;MHHHHHHRFDIPGYELVYTAPVETALQADDLRNTAEVWQQMFDAAKTRIDLGQFYVANQQGSLLDGVLQHLKAAGERGVK
IRFLMEEKGIRLSTPETLEQLKAIPNLELRIIPYRRLSGGILHAKYLLVDGEQAFVGSQNFDWRALEHIHETGLRISDAG
VVGQIQAIFEQDWRAQALLTADKPVPQLTYQPTAATPQGNYLVASPRAYNPAGVIDSQVELPRLLASAKQRVRVQVMDYA
PLSYGPERSRPYYAVIDNALRSAAARGVQIELMVANWNTKKPDIAWLKSLALVPNVQIKVVTIPPASHGFIPFARVIHSK
LMTIDGETAWVGTSNWTGGYLDNSRNLELVLHSPAMSQRLDTLYSQLWDSVYAEPIKLDYDYPAPKPGGES
;
_entity_poly.pdbx_strand_id   A,B
#
loop_
_chem_comp.id
_chem_comp.type
_chem_comp.name
_chem_comp.formula
SO4 non-polymer 'SULFATE ION' 'O4 S -2'
#
# COMPACT_ATOMS: atom_id res chain seq x y z
N HIS A 3 6.72 2.11 7.95
CA HIS A 3 5.82 1.37 7.07
C HIS A 3 5.69 2.26 5.82
N HIS A 4 5.48 3.54 6.15
CA HIS A 4 5.22 4.67 5.24
C HIS A 4 6.28 4.83 4.17
N HIS A 5 7.53 4.53 4.48
CA HIS A 5 8.56 4.74 3.48
C HIS A 5 8.87 3.49 2.66
N HIS A 6 8.16 2.39 2.90
CA HIS A 6 8.27 1.22 2.05
C HIS A 6 7.71 1.58 0.68
N HIS A 7 8.51 1.37 -0.36
CA HIS A 7 8.20 1.95 -1.67
C HIS A 7 7.73 0.90 -2.67
N ARG A 8 7.22 -0.23 -2.19
CA ARG A 8 6.63 -1.21 -3.09
C ARG A 8 5.49 -1.90 -2.37
N PHE A 9 4.65 -2.59 -3.14
CA PHE A 9 3.53 -3.32 -2.57
C PHE A 9 3.53 -4.73 -3.15
N ASP A 10 3.63 -5.71 -2.26
CA ASP A 10 3.67 -7.11 -2.65
C ASP A 10 2.67 -7.90 -1.82
N ILE A 11 2.17 -8.98 -2.42
CA ILE A 11 1.64 -10.12 -1.68
C ILE A 11 2.53 -11.27 -2.12
N PRO A 12 2.50 -12.44 -1.49
CA PRO A 12 3.31 -13.55 -2.01
C PRO A 12 3.00 -13.81 -3.48
N GLY A 13 4.04 -13.75 -4.30
CA GLY A 13 3.94 -14.05 -5.71
C GLY A 13 3.56 -12.90 -6.61
N TYR A 14 3.14 -11.75 -6.06
CA TYR A 14 2.60 -10.67 -6.88
C TYR A 14 2.98 -9.30 -6.34
N GLU A 15 3.49 -8.45 -7.22
CA GLU A 15 3.76 -7.05 -6.91
C GLU A 15 2.86 -6.14 -7.74
N LEU A 16 2.23 -5.18 -7.08
CA LEU A 16 1.41 -4.22 -7.81
C LEU A 16 2.27 -3.08 -8.38
N VAL A 17 2.15 -2.85 -9.70
CA VAL A 17 3.00 -1.90 -10.41
C VAL A 17 2.08 -0.87 -11.05
N TYR A 18 2.43 0.41 -10.93
CA TYR A 18 1.46 1.45 -11.26
C TYR A 18 2.16 2.65 -11.85
N THR A 19 1.58 3.21 -12.92
CA THR A 19 1.97 4.52 -13.41
C THR A 19 0.79 5.47 -13.37
N ALA A 20 0.98 6.62 -12.75
CA ALA A 20 0.00 7.69 -12.80
C ALA A 20 0.40 8.69 -13.88
N PRO A 21 -0.55 9.35 -14.55
CA PRO A 21 -0.16 10.44 -15.47
C PRO A 21 0.58 11.52 -14.69
N VAL A 22 1.68 12.02 -15.27
CA VAL A 22 2.38 13.12 -14.63
C VAL A 22 1.44 14.30 -14.54
N GLU A 23 1.65 15.16 -13.53
CA GLU A 23 0.86 16.38 -13.35
C GLU A 23 -0.58 16.08 -12.97
N THR A 24 -0.82 14.94 -12.32
CA THR A 24 -2.13 14.65 -11.73
C THR A 24 -2.00 14.30 -10.26
N ALA A 25 -3.10 14.50 -9.53
CA ALA A 25 -3.19 14.17 -8.12
C ALA A 25 -3.55 12.69 -7.95
N LEU A 26 -2.80 11.81 -8.63
CA LEU A 26 -3.08 10.38 -8.65
C LEU A 26 -1.83 9.55 -8.31
N GLN A 27 -0.81 10.18 -7.71
CA GLN A 27 0.47 9.53 -7.44
C GLN A 27 0.34 8.53 -6.28
N ALA A 28 1.10 7.47 -6.37
CA ALA A 28 1.11 6.48 -5.29
C ALA A 28 2.57 6.17 -5.08
N ASP A 29 3.21 6.78 -4.07
CA ASP A 29 4.66 6.57 -3.82
C ASP A 29 4.97 5.16 -3.30
N ASP A 30 3.99 4.41 -2.86
CA ASP A 30 4.19 3.04 -2.37
C ASP A 30 4.10 2.04 -3.51
N LEU A 31 3.88 2.43 -4.78
CA LEU A 31 3.83 1.41 -5.80
C LEU A 31 5.00 1.69 -6.73
N ARG A 32 5.75 0.66 -7.08
CA ARG A 32 6.82 0.90 -8.03
C ARG A 32 6.21 1.22 -9.39
N ASN A 33 6.89 2.05 -10.16
CA ASN A 33 6.33 2.45 -11.43
C ASN A 33 6.80 1.53 -12.55
N THR A 34 6.08 1.59 -13.67
CA THR A 34 6.25 0.61 -14.72
C THR A 34 7.69 0.61 -15.24
N ALA A 35 8.22 1.79 -15.57
CA ALA A 35 9.53 1.86 -16.20
C ALA A 35 10.61 1.27 -15.30
N GLU A 36 10.58 1.62 -14.00
CA GLU A 36 11.61 1.12 -13.09
C GLU A 36 11.51 -0.40 -12.97
N VAL A 37 10.29 -0.93 -12.94
CA VAL A 37 10.13 -2.37 -12.80
C VAL A 37 10.62 -3.08 -14.07
N TRP A 38 10.24 -2.60 -15.24
CA TRP A 38 10.70 -3.24 -16.48
C TRP A 38 12.23 -3.21 -16.58
N GLN A 39 12.84 -2.07 -16.29
CA GLN A 39 14.31 -2.00 -16.36
C GLN A 39 14.97 -3.01 -15.44
N GLN A 40 14.47 -3.11 -14.20
CA GLN A 40 15.03 -4.08 -13.26
C GLN A 40 14.79 -5.52 -13.71
N MET A 41 13.61 -5.80 -14.28
CA MET A 41 13.34 -7.15 -14.76
C MET A 41 14.31 -7.52 -15.89
N PHE A 42 14.58 -6.59 -16.82
CA PHE A 42 15.53 -6.86 -17.90
C PHE A 42 16.94 -7.04 -17.35
N ASP A 43 17.31 -6.23 -16.34
CA ASP A 43 18.65 -6.33 -15.77
C ASP A 43 18.88 -7.67 -15.10
N ALA A 44 17.84 -8.25 -14.52
CA ALA A 44 17.93 -9.52 -13.83
C ALA A 44 17.93 -10.70 -14.80
N ALA A 45 17.63 -10.47 -16.08
CA ALA A 45 17.51 -11.59 -17.01
C ALA A 45 18.86 -12.26 -17.21
N LYS A 46 18.88 -13.57 -17.05
CA LYS A 46 20.12 -14.29 -17.31
C LYS A 46 20.06 -15.15 -18.55
N THR A 47 18.87 -15.51 -19.05
CA THR A 47 18.80 -16.46 -20.15
C THR A 47 17.90 -15.95 -21.25
N ARG A 48 16.66 -15.59 -20.91
CA ARG A 48 15.63 -15.29 -21.90
C ARG A 48 14.76 -14.15 -21.43
N ILE A 49 14.40 -13.27 -22.36
CA ILE A 49 13.30 -12.32 -22.17
C ILE A 49 12.33 -12.53 -23.33
N ASP A 50 11.06 -12.71 -23.00
CA ASP A 50 9.98 -12.81 -23.97
C ASP A 50 9.00 -11.67 -23.76
N LEU A 51 8.56 -11.06 -24.86
CA LEU A 51 7.61 -9.96 -24.78
C LEU A 51 6.48 -10.24 -25.75
N GLY A 52 5.25 -10.11 -25.24
CA GLY A 52 4.09 -10.19 -26.09
C GLY A 52 3.41 -8.84 -26.04
N GLN A 53 3.21 -8.18 -27.18
CA GLN A 53 2.76 -6.80 -27.18
C GLN A 53 1.79 -6.54 -28.33
N PHE A 54 0.97 -5.50 -28.14
CA PHE A 54 0.07 -5.04 -29.19
C PHE A 54 0.84 -4.16 -30.18
N TYR A 55 1.59 -3.20 -29.68
CA TYR A 55 2.37 -2.32 -30.55
C TYR A 55 3.55 -1.75 -29.77
N VAL A 56 4.39 -0.98 -30.48
CA VAL A 56 5.57 -0.38 -29.89
C VAL A 56 5.61 1.07 -30.36
N ALA A 57 5.53 2.02 -29.42
CA ALA A 57 5.53 3.44 -29.80
C ALA A 57 6.53 4.18 -28.95
N ASN A 58 7.37 5.02 -29.57
CA ASN A 58 8.39 5.72 -28.80
C ASN A 58 8.55 7.13 -29.30
N GLN A 59 9.08 7.98 -28.42
CA GLN A 59 9.45 9.36 -28.70
C GLN A 59 10.84 9.59 -28.15
N GLN A 60 11.75 10.16 -28.94
CA GLN A 60 13.10 10.38 -28.43
C GLN A 60 13.07 11.12 -27.10
N GLY A 61 13.87 10.64 -26.15
CA GLY A 61 14.00 11.26 -24.83
C GLY A 61 13.01 10.79 -23.80
N SER A 62 12.11 9.88 -24.16
CA SER A 62 11.08 9.39 -23.23
C SER A 62 11.66 8.41 -22.21
N LEU A 63 10.80 7.97 -21.26
CA LEU A 63 11.17 6.89 -20.34
C LEU A 63 11.31 5.54 -21.04
N LEU A 64 10.64 5.38 -22.18
CA LEU A 64 10.80 4.12 -22.90
C LEU A 64 12.24 4.02 -23.44
N ASP A 65 12.91 5.14 -23.69
CA ASP A 65 14.33 5.07 -24.09
C ASP A 65 15.15 4.28 -23.08
N GLY A 66 14.98 4.58 -21.78
CA GLY A 66 15.67 3.82 -20.75
C GLY A 66 15.26 2.37 -20.75
N VAL A 67 13.96 2.10 -20.92
CA VAL A 67 13.54 0.70 -20.99
C VAL A 67 14.27 -0.02 -22.12
N LEU A 68 14.30 0.60 -23.31
CA LEU A 68 14.93 0.00 -24.50
C LEU A 68 16.44 -0.16 -24.30
N GLN A 69 17.07 0.81 -23.65
CA GLN A 69 18.46 0.70 -23.23
C GLN A 69 18.74 -0.51 -22.36
N HIS A 70 17.90 -0.77 -21.37
CA HIS A 70 18.12 -1.97 -20.55
C HIS A 70 17.83 -3.26 -21.33
N LEU A 71 16.81 -3.25 -22.21
CA LEU A 71 16.57 -4.43 -23.04
C LEU A 71 17.77 -4.71 -23.96
N LYS A 72 18.29 -3.67 -24.59
CA LYS A 72 19.47 -3.81 -25.43
C LYS A 72 20.65 -4.35 -24.63
N ALA A 73 20.89 -3.79 -23.43
CA ALA A 73 21.98 -4.28 -22.59
C ALA A 73 21.80 -5.76 -22.28
N ALA A 74 20.56 -6.21 -22.10
CA ALA A 74 20.35 -7.64 -21.86
C ALA A 74 20.73 -8.45 -23.09
N GLY A 75 20.28 -8.03 -24.26
CA GLY A 75 20.72 -8.70 -25.49
C GLY A 75 22.23 -8.73 -25.64
N GLU A 76 22.89 -7.61 -25.36
CA GLU A 76 24.36 -7.54 -25.47
C GLU A 76 25.03 -8.50 -24.49
N ARG A 77 24.36 -8.81 -23.39
CA ARG A 77 24.85 -9.74 -22.39
C ARG A 77 24.68 -11.19 -22.82
N GLY A 78 24.07 -11.42 -23.98
CA GLY A 78 23.81 -12.76 -24.44
C GLY A 78 22.44 -13.30 -24.08
N VAL A 79 21.55 -12.46 -23.53
CA VAL A 79 20.17 -12.89 -23.27
C VAL A 79 19.42 -12.99 -24.59
N LYS A 80 18.77 -14.13 -24.83
CA LYS A 80 17.93 -14.32 -26.00
C LYS A 80 16.59 -13.62 -25.79
N ILE A 81 16.19 -12.78 -26.74
CA ILE A 81 14.95 -12.01 -26.62
C ILE A 81 14.01 -12.38 -27.75
N ARG A 82 12.78 -12.75 -27.39
CA ARG A 82 11.74 -13.04 -28.37
C ARG A 82 10.63 -12.04 -28.20
N PHE A 83 10.41 -11.25 -29.24
CA PHE A 83 9.42 -10.14 -29.23
C PHE A 83 8.35 -10.43 -30.27
N LEU A 84 7.15 -10.70 -29.79
CA LEU A 84 5.96 -11.04 -30.56
C LEU A 84 5.00 -9.86 -30.50
N MET A 85 4.62 -9.35 -31.66
CA MET A 85 3.78 -8.17 -31.74
C MET A 85 2.64 -8.45 -32.70
N GLU A 86 1.49 -7.80 -32.48
CA GLU A 86 0.33 -7.93 -33.34
C GLU A 86 0.54 -7.20 -34.67
N GLU A 87 0.16 -7.83 -35.78
CA GLU A 87 0.26 -7.16 -37.09
C GLU A 87 -0.58 -5.89 -37.14
N LYS A 88 -1.78 -5.91 -36.55
CA LYS A 88 -2.59 -4.71 -36.53
C LYS A 88 -1.95 -3.60 -35.73
N GLY A 89 -0.94 -3.93 -34.91
CA GLY A 89 -0.19 -2.96 -34.15
C GLY A 89 0.81 -2.17 -34.98
N ILE A 90 1.18 -2.68 -36.15
CA ILE A 90 2.18 -1.98 -36.96
C ILE A 90 1.74 -0.54 -37.21
N ARG A 91 0.47 -0.35 -37.62
CA ARG A 91 -0.03 0.98 -37.91
C ARG A 91 -0.01 1.88 -36.68
N LEU A 92 0.08 1.30 -35.48
CA LEU A 92 0.16 2.08 -34.25
C LEU A 92 1.60 2.31 -33.77
N SER A 93 2.58 1.70 -34.45
CA SER A 93 3.94 1.63 -33.96
C SER A 93 4.82 2.72 -34.55
N THR A 94 5.94 2.97 -33.88
CA THR A 94 7.01 3.83 -34.37
C THR A 94 7.99 3.01 -35.19
N PRO A 95 8.06 3.19 -36.50
CA PRO A 95 8.92 2.30 -37.32
C PRO A 95 10.37 2.32 -36.91
N GLU A 96 10.89 3.48 -36.52
CA GLU A 96 12.28 3.56 -36.08
C GLU A 96 12.52 2.70 -34.84
N THR A 97 11.53 2.62 -33.95
CA THR A 97 11.69 1.80 -32.74
C THR A 97 11.71 0.32 -33.09
N LEU A 98 10.91 -0.10 -34.07
CA LEU A 98 10.94 -1.49 -34.52
C LEU A 98 12.32 -1.83 -35.09
N GLU A 99 12.91 -0.90 -35.85
CA GLU A 99 14.26 -1.15 -36.34
C GLU A 99 15.26 -1.22 -35.18
N GLN A 100 15.11 -0.34 -34.19
CA GLN A 100 16.00 -0.42 -33.02
C GLN A 100 15.90 -1.78 -32.33
N LEU A 101 14.67 -2.30 -32.16
CA LEU A 101 14.49 -3.61 -31.54
C LEU A 101 15.22 -4.68 -32.34
N LYS A 102 15.00 -4.68 -33.68
CA LYS A 102 15.64 -5.71 -34.51
C LYS A 102 17.15 -5.62 -34.47
N ALA A 103 17.69 -4.44 -34.20
CA ALA A 103 19.13 -4.28 -34.11
C ALA A 103 19.72 -4.73 -32.76
N ILE A 104 18.90 -5.07 -31.78
CA ILE A 104 19.45 -5.56 -30.51
C ILE A 104 20.02 -6.97 -30.71
N PRO A 105 21.27 -7.22 -30.30
CA PRO A 105 21.83 -8.57 -30.41
C PRO A 105 20.93 -9.58 -29.73
N ASN A 106 20.72 -10.71 -30.41
CA ASN A 106 20.01 -11.87 -29.90
C ASN A 106 18.51 -11.64 -29.78
N LEU A 107 17.98 -10.61 -30.41
CA LEU A 107 16.54 -10.36 -30.44
C LEU A 107 15.94 -10.82 -31.77
N GLU A 108 14.87 -11.60 -31.68
CA GLU A 108 14.02 -11.96 -32.80
C GLU A 108 12.68 -11.29 -32.63
N LEU A 109 12.25 -10.55 -33.66
CA LEU A 109 10.96 -9.87 -33.67
C LEU A 109 10.05 -10.62 -34.64
N ARG A 110 8.91 -11.10 -34.14
CA ARG A 110 7.89 -11.75 -34.98
C ARG A 110 6.58 -10.98 -34.92
N ILE A 111 5.95 -10.84 -36.07
CA ILE A 111 4.69 -10.13 -36.20
C ILE A 111 3.63 -11.18 -36.48
N ILE A 112 2.61 -11.24 -35.64
CA ILE A 112 1.56 -12.25 -35.76
C ILE A 112 0.25 -11.57 -36.10
N PRO A 113 -0.40 -11.97 -37.21
CA PRO A 113 -1.76 -11.50 -37.51
C PRO A 113 -2.79 -12.37 -36.80
N TYR A 114 -3.22 -11.95 -35.61
CA TYR A 114 -3.70 -12.98 -34.73
C TYR A 114 -5.13 -13.29 -35.25
N ARG A 115 -5.66 -12.38 -36.10
CA ARG A 115 -6.97 -12.55 -36.73
C ARG A 115 -7.07 -13.83 -37.55
N ARG A 116 -5.94 -14.35 -38.05
CA ARG A 116 -5.97 -15.60 -38.80
C ARG A 116 -6.23 -16.80 -37.89
N LEU A 117 -6.15 -16.59 -36.57
CA LEU A 117 -6.38 -17.65 -35.60
C LEU A 117 -7.80 -17.57 -35.06
N SER A 118 -8.14 -16.47 -34.41
CA SER A 118 -9.41 -16.38 -33.71
C SER A 118 -10.23 -15.17 -34.14
N GLY A 119 -9.73 -14.35 -35.06
CA GLY A 119 -10.50 -13.24 -35.56
C GLY A 119 -10.19 -11.91 -34.90
N GLY A 120 -9.50 -11.91 -33.78
CA GLY A 120 -9.21 -10.67 -33.08
C GLY A 120 -7.75 -10.27 -33.22
N ILE A 121 -7.14 -9.87 -32.11
CA ILE A 121 -5.77 -9.37 -32.12
C ILE A 121 -4.99 -9.99 -30.97
N LEU A 122 -3.68 -9.93 -31.08
CA LEU A 122 -2.81 -10.06 -29.91
C LEU A 122 -2.84 -8.74 -29.15
N HIS A 123 -3.66 -8.67 -28.11
CA HIS A 123 -3.83 -7.44 -27.37
C HIS A 123 -3.07 -7.47 -26.05
N ALA A 124 -2.79 -8.66 -25.52
CA ALA A 124 -2.10 -8.76 -24.26
C ALA A 124 -0.78 -8.01 -24.26
N LYS A 125 -0.46 -7.48 -23.10
CA LYS A 125 0.79 -6.73 -22.86
C LYS A 125 1.55 -7.44 -21.73
N TYR A 126 2.58 -8.22 -22.08
CA TYR A 126 3.22 -8.98 -21.05
C TYR A 126 4.68 -9.25 -21.36
N LEU A 127 5.40 -9.61 -20.29
CA LEU A 127 6.84 -9.87 -20.31
C LEU A 127 7.07 -11.16 -19.56
N LEU A 128 8.06 -11.92 -19.99
CA LEU A 128 8.54 -13.08 -19.28
C LEU A 128 10.05 -12.98 -19.18
N VAL A 129 10.60 -13.31 -18.00
CA VAL A 129 12.05 -13.32 -17.81
C VAL A 129 12.44 -14.69 -17.25
N ASP A 130 13.26 -15.43 -18.02
CA ASP A 130 13.86 -16.70 -17.62
C ASP A 130 12.83 -17.76 -17.26
N GLY A 131 11.59 -17.61 -17.72
CA GLY A 131 10.53 -18.50 -17.28
C GLY A 131 10.30 -18.49 -15.78
N GLU A 132 10.74 -17.45 -15.10
CA GLU A 132 10.69 -17.34 -13.66
C GLU A 132 9.83 -16.18 -13.19
N GLN A 133 9.81 -15.09 -13.96
CA GLN A 133 9.01 -13.93 -13.60
C GLN A 133 8.22 -13.49 -14.81
N ALA A 134 7.07 -12.88 -14.56
CA ALA A 134 6.28 -12.35 -15.65
C ALA A 134 5.79 -10.97 -15.24
N PHE A 135 5.44 -10.17 -16.23
CA PHE A 135 4.69 -8.95 -16.01
C PHE A 135 3.46 -8.99 -16.88
N VAL A 136 2.30 -8.68 -16.30
CA VAL A 136 1.05 -8.56 -17.06
C VAL A 136 0.40 -7.25 -16.67
N GLY A 137 -0.03 -6.45 -17.63
CA GLY A 137 -0.68 -5.22 -17.23
C GLY A 137 -1.36 -4.52 -18.38
N SER A 138 -1.92 -3.35 -18.07
CA SER A 138 -2.52 -2.52 -19.09
C SER A 138 -1.47 -1.81 -19.94
N GLN A 139 -0.22 -1.75 -19.46
CA GLN A 139 0.85 -0.93 -20.05
C GLN A 139 1.29 -1.50 -21.39
N ASN A 140 1.01 -0.76 -22.46
CA ASN A 140 1.60 -1.05 -23.76
C ASN A 140 3.08 -0.70 -23.76
N PHE A 141 3.79 -1.22 -24.77
CA PHE A 141 5.21 -0.90 -24.95
C PHE A 141 5.30 0.45 -25.64
N ASP A 142 4.98 1.50 -24.87
CA ASP A 142 4.56 2.79 -25.40
C ASP A 142 5.07 3.84 -24.42
N TRP A 143 5.78 4.85 -24.91
CA TRP A 143 6.30 5.87 -24.01
C TRP A 143 5.20 6.55 -23.21
N ARG A 144 4.01 6.68 -23.79
CA ARG A 144 2.89 7.31 -23.11
C ARG A 144 2.39 6.49 -21.93
N ALA A 145 2.55 5.16 -21.99
CA ALA A 145 2.11 4.30 -20.91
C ALA A 145 2.98 4.48 -19.69
N LEU A 146 4.14 5.10 -19.86
CA LEU A 146 5.13 5.21 -18.81
C LEU A 146 5.06 6.54 -18.11
N GLU A 147 4.21 7.46 -18.61
CA GLU A 147 4.27 8.87 -18.24
C GLU A 147 2.92 9.56 -18.20
N HIS A 148 2.01 9.18 -19.10
CA HIS A 148 0.85 10.02 -19.38
C HIS A 148 -0.47 9.31 -19.20
N ILE A 149 -0.46 8.09 -18.69
CA ILE A 149 -1.64 7.25 -18.66
C ILE A 149 -1.73 6.59 -17.28
N HIS A 150 -2.95 6.48 -16.76
CA HIS A 150 -3.18 5.69 -15.55
C HIS A 150 -3.11 4.22 -15.93
N GLU A 151 -2.10 3.51 -15.43
CA GLU A 151 -1.77 2.17 -15.89
C GLU A 151 -1.49 1.29 -14.69
N THR A 152 -1.94 0.03 -14.73
CA THR A 152 -1.74 -0.88 -13.62
C THR A 152 -1.39 -2.28 -14.14
N GLY A 153 -0.41 -2.89 -13.49
CA GLY A 153 0.01 -4.23 -13.85
C GLY A 153 0.52 -4.96 -12.63
N LEU A 154 0.94 -6.20 -12.85
CA LEU A 154 1.44 -7.07 -11.80
C LEU A 154 2.75 -7.67 -12.26
N ARG A 155 3.77 -7.60 -11.41
CA ARG A 155 4.96 -8.43 -11.59
C ARG A 155 4.73 -9.71 -10.82
N ILE A 156 4.84 -10.84 -11.50
CA ILE A 156 4.40 -12.14 -11.03
C ILE A 156 5.60 -13.04 -10.82
N SER A 157 5.72 -13.62 -9.64
CA SER A 157 6.74 -14.61 -9.35
C SER A 157 6.13 -15.94 -8.91
N ASP A 158 4.80 -16.04 -8.94
CA ASP A 158 4.05 -17.27 -8.69
C ASP A 158 4.36 -18.26 -9.81
N ALA A 159 5.15 -19.32 -9.48
CA ALA A 159 5.67 -20.21 -10.51
C ALA A 159 4.58 -20.84 -11.37
N GLY A 160 3.46 -21.27 -10.76
CA GLY A 160 2.41 -21.90 -11.56
C GLY A 160 1.88 -20.96 -12.62
N VAL A 161 1.61 -19.72 -12.23
CA VAL A 161 1.07 -18.74 -13.15
C VAL A 161 2.11 -18.37 -14.22
N VAL A 162 3.37 -18.16 -13.80
CA VAL A 162 4.40 -17.86 -14.78
C VAL A 162 4.52 -18.98 -15.80
N GLY A 163 4.43 -20.23 -15.34
CA GLY A 163 4.49 -21.35 -16.28
C GLY A 163 3.36 -21.32 -17.30
N GLN A 164 2.16 -20.92 -16.87
CA GLN A 164 1.04 -20.84 -17.81
C GLN A 164 1.25 -19.70 -18.81
N ILE A 165 1.75 -18.56 -18.33
CA ILE A 165 2.02 -17.45 -19.24
C ILE A 165 3.11 -17.83 -20.24
N GLN A 166 4.16 -18.51 -19.76
CA GLN A 166 5.20 -19.02 -20.64
C GLN A 166 4.61 -19.94 -21.70
N ALA A 167 3.69 -20.84 -21.30
CA ALA A 167 3.09 -21.76 -22.27
C ALA A 167 2.27 -21.01 -23.30
N ILE A 168 1.58 -19.94 -22.88
CA ILE A 168 0.83 -19.11 -23.83
C ILE A 168 1.78 -18.44 -24.81
N PHE A 169 2.88 -17.87 -24.31
CA PHE A 169 3.84 -17.25 -25.21
C PHE A 169 4.37 -18.27 -26.22
N GLU A 170 4.74 -19.46 -25.75
CA GLU A 170 5.30 -20.48 -26.65
C GLU A 170 4.29 -20.84 -27.72
N GLN A 171 3.02 -21.01 -27.31
CA GLN A 171 1.93 -21.29 -28.22
C GLN A 171 1.85 -20.23 -29.32
N ASP A 172 1.84 -18.96 -28.93
CA ASP A 172 1.65 -17.90 -29.93
C ASP A 172 2.90 -17.69 -30.78
N TRP A 173 4.09 -17.85 -30.19
CA TRP A 173 5.34 -17.77 -30.94
C TRP A 173 5.37 -18.81 -32.06
N ARG A 174 5.07 -20.07 -31.71
CA ARG A 174 5.09 -21.12 -32.72
C ARG A 174 3.95 -20.91 -33.72
N ALA A 175 2.78 -20.45 -33.24
CA ALA A 175 1.70 -20.13 -34.18
C ALA A 175 2.15 -19.09 -35.21
N GLN A 176 2.91 -18.09 -34.77
CA GLN A 176 3.33 -17.07 -35.73
C GLN A 176 4.16 -17.72 -36.83
N ALA A 177 5.06 -18.63 -36.44
CA ALA A 177 5.90 -19.27 -37.46
C ALA A 177 5.08 -20.15 -38.40
N LEU A 178 4.07 -20.84 -37.86
CA LEU A 178 3.21 -21.67 -38.70
C LEU A 178 2.40 -20.83 -39.69
N LEU A 179 1.85 -19.70 -39.21
CA LEU A 179 1.11 -18.80 -40.10
C LEU A 179 2.01 -18.23 -41.20
N THR A 180 3.26 -17.89 -40.85
CA THR A 180 4.19 -17.37 -41.86
C THR A 180 4.37 -18.36 -43.01
N ALA A 181 4.36 -19.65 -42.71
CA ALA A 181 4.53 -20.71 -43.70
C ALA A 181 3.22 -21.21 -44.27
N ASP A 182 2.09 -20.53 -44.00
CA ASP A 182 0.76 -20.99 -44.40
C ASP A 182 0.54 -22.46 -44.06
N LYS A 183 0.92 -22.86 -42.80
CA LYS A 183 0.69 -24.16 -42.17
C LYS A 183 -0.47 -24.02 -41.19
N PRO A 184 -1.22 -25.09 -40.97
CA PRO A 184 -2.35 -25.00 -40.04
C PRO A 184 -1.88 -24.74 -38.61
N VAL A 185 -2.67 -23.99 -37.87
CA VAL A 185 -2.43 -23.86 -36.44
C VAL A 185 -3.56 -24.58 -35.70
N PRO A 186 -3.34 -25.81 -35.24
CA PRO A 186 -4.42 -26.56 -34.60
C PRO A 186 -4.95 -25.86 -33.35
N GLN A 187 -6.28 -25.91 -33.17
CA GLN A 187 -6.90 -25.42 -31.95
C GLN A 187 -6.57 -26.37 -30.80
N LEU A 188 -6.63 -25.85 -29.59
CA LEU A 188 -6.27 -26.62 -28.42
C LEU A 188 -7.53 -27.16 -27.75
N THR A 189 -7.48 -28.42 -27.34
CA THR A 189 -8.63 -29.01 -26.67
C THR A 189 -8.92 -28.28 -25.36
N TYR A 190 -10.21 -28.01 -25.14
CA TYR A 190 -10.70 -27.36 -23.93
C TYR A 190 -10.87 -28.41 -22.85
N GLN A 191 -10.09 -28.30 -21.76
CA GLN A 191 -9.98 -29.38 -20.78
C GLN A 191 -10.10 -28.72 -19.41
N PRO A 192 -11.24 -28.11 -19.06
CA PRO A 192 -11.27 -27.34 -17.80
C PRO A 192 -11.25 -28.25 -16.57
N THR A 193 -10.60 -27.79 -15.50
CA THR A 193 -10.66 -28.51 -14.24
C THR A 193 -12.06 -28.36 -13.66
N ALA A 194 -12.60 -29.47 -13.14
CA ALA A 194 -13.93 -29.45 -12.54
C ALA A 194 -13.98 -28.66 -11.24
N ALA A 195 -12.89 -28.63 -10.49
CA ALA A 195 -12.85 -27.87 -9.24
C ALA A 195 -12.95 -26.37 -9.49
N THR A 196 -13.77 -25.69 -8.68
CA THR A 196 -13.89 -24.25 -8.82
C THR A 196 -12.55 -23.58 -8.52
N PRO A 197 -12.16 -22.58 -9.31
CA PRO A 197 -10.84 -21.98 -9.12
C PRO A 197 -10.72 -21.39 -7.71
N GLN A 198 -9.55 -21.44 -7.14
CA GLN A 198 -9.38 -20.83 -5.81
C GLN A 198 -8.07 -20.07 -5.77
N GLY A 199 -7.95 -19.14 -4.86
CA GLY A 199 -6.63 -18.54 -4.69
C GLY A 199 -6.23 -17.56 -5.79
N ASN A 200 -4.99 -17.66 -6.28
CA ASN A 200 -4.48 -16.75 -7.30
C ASN A 200 -4.24 -17.52 -8.59
N TYR A 201 -4.78 -17.01 -9.70
CA TYR A 201 -4.67 -17.76 -10.93
C TYR A 201 -4.81 -16.86 -12.15
N LEU A 202 -4.25 -17.36 -13.24
CA LEU A 202 -4.37 -16.73 -14.55
C LEU A 202 -5.72 -17.06 -15.17
N VAL A 203 -6.29 -16.08 -15.88
CA VAL A 203 -7.32 -16.38 -16.87
C VAL A 203 -6.86 -15.79 -18.19
N ALA A 204 -7.31 -16.40 -19.29
CA ALA A 204 -6.79 -15.97 -20.58
C ALA A 204 -7.83 -16.19 -21.67
N SER A 205 -7.57 -15.56 -22.79
CA SER A 205 -8.37 -15.72 -24.00
C SER A 205 -7.41 -15.77 -25.17
N PRO A 206 -7.83 -16.37 -26.31
CA PRO A 206 -9.11 -17.05 -26.53
C PRO A 206 -9.03 -18.51 -26.17
N ARG A 207 -10.16 -19.07 -25.77
CA ARG A 207 -10.23 -20.49 -25.39
C ARG A 207 -9.49 -21.39 -26.37
N ALA A 208 -9.73 -21.18 -27.67
CA ALA A 208 -9.23 -22.10 -28.69
C ALA A 208 -7.70 -22.21 -28.70
N TYR A 209 -6.98 -21.23 -28.16
CA TYR A 209 -5.52 -21.28 -28.12
C TYR A 209 -4.99 -21.17 -26.70
N ASN A 210 -5.80 -21.56 -25.74
CA ASN A 210 -5.34 -21.63 -24.35
C ASN A 210 -4.75 -23.01 -24.07
N PRO A 211 -3.52 -23.10 -23.59
CA PRO A 211 -2.97 -24.41 -23.20
C PRO A 211 -3.83 -25.06 -22.12
N ALA A 212 -3.61 -26.37 -21.98
CA ALA A 212 -4.45 -27.19 -21.12
C ALA A 212 -4.46 -26.65 -19.70
N GLY A 213 -5.64 -26.53 -19.11
CA GLY A 213 -5.74 -26.08 -17.73
C GLY A 213 -5.73 -24.57 -17.54
N VAL A 214 -5.51 -23.79 -18.59
CA VAL A 214 -5.61 -22.34 -18.47
C VAL A 214 -7.09 -21.98 -18.47
N ILE A 215 -7.52 -21.24 -17.45
CA ILE A 215 -8.92 -20.88 -17.31
C ILE A 215 -9.32 -19.88 -18.40
N ASP A 216 -10.44 -20.15 -19.07
CA ASP A 216 -11.02 -19.25 -20.07
C ASP A 216 -11.60 -18.02 -19.37
N SER A 217 -11.07 -16.83 -19.65
CA SER A 217 -11.53 -15.62 -18.98
C SER A 217 -12.99 -15.32 -19.31
N GLN A 218 -13.46 -15.73 -20.49
CA GLN A 218 -14.84 -15.46 -20.84
C GLN A 218 -15.79 -16.31 -19.99
N VAL A 219 -15.32 -17.41 -19.43
CA VAL A 219 -16.09 -18.19 -18.48
C VAL A 219 -15.94 -17.63 -17.08
N GLU A 220 -14.70 -17.29 -16.70
CA GLU A 220 -14.40 -16.93 -15.33
C GLU A 220 -14.98 -15.58 -14.95
N LEU A 221 -14.95 -14.59 -15.84
CA LEU A 221 -15.47 -13.29 -15.41
C LEU A 221 -16.94 -13.39 -15.03
N PRO A 222 -17.82 -13.97 -15.84
CA PRO A 222 -19.20 -14.12 -15.34
C PRO A 222 -19.33 -14.97 -14.08
N ARG A 223 -18.50 -16.01 -13.89
CA ARG A 223 -18.58 -16.79 -12.64
C ARG A 223 -18.26 -15.91 -11.44
N LEU A 224 -17.20 -15.09 -11.57
CA LEU A 224 -16.78 -14.21 -10.49
C LEU A 224 -17.88 -13.22 -10.18
N LEU A 225 -18.49 -12.64 -11.22
CA LEU A 225 -19.55 -11.66 -10.99
C LEU A 225 -20.76 -12.33 -10.36
N ALA A 226 -21.08 -13.57 -10.75
CA ALA A 226 -22.21 -14.28 -10.14
C ALA A 226 -21.96 -14.53 -8.65
N SER A 227 -20.69 -14.60 -8.24
CA SER A 227 -20.40 -14.87 -6.83
C SER A 227 -20.36 -13.62 -5.96
N ALA A 228 -20.42 -12.43 -6.55
CA ALA A 228 -20.37 -11.19 -5.79
C ALA A 228 -21.60 -11.06 -4.89
N LYS A 229 -21.36 -10.61 -3.65
CA LYS A 229 -22.42 -10.49 -2.65
C LYS A 229 -22.74 -9.05 -2.27
N GLN A 230 -21.79 -8.12 -2.40
CA GLN A 230 -21.97 -6.79 -1.84
C GLN A 230 -21.65 -5.69 -2.83
N ARG A 231 -20.44 -5.71 -3.39
CA ARG A 231 -20.01 -4.61 -4.26
C ARG A 231 -19.00 -5.08 -5.30
N VAL A 232 -19.22 -4.66 -6.53
CA VAL A 232 -18.26 -4.87 -7.61
C VAL A 232 -17.78 -3.48 -8.03
N ARG A 233 -16.46 -3.28 -8.05
CA ARG A 233 -15.89 -2.04 -8.57
C ARG A 233 -15.08 -2.38 -9.81
N VAL A 234 -15.34 -1.66 -10.90
CA VAL A 234 -14.70 -1.91 -12.19
C VAL A 234 -14.10 -0.62 -12.70
N GLN A 235 -12.90 -0.73 -13.22
CA GLN A 235 -12.26 0.40 -13.93
C GLN A 235 -11.73 -0.15 -15.24
N VAL A 236 -12.13 0.43 -16.35
CA VAL A 236 -11.62 0.08 -17.67
C VAL A 236 -11.42 1.36 -18.45
N MET A 237 -10.79 1.25 -19.61
CA MET A 237 -10.83 2.41 -20.51
C MET A 237 -12.19 2.48 -21.15
N ASP A 238 -12.62 1.33 -21.70
CA ASP A 238 -13.83 1.20 -22.50
C ASP A 238 -14.74 0.14 -21.91
N TYR A 239 -16.01 0.47 -21.77
CA TYR A 239 -17.05 -0.51 -21.45
C TYR A 239 -18.11 -0.37 -22.53
N ALA A 240 -18.44 -1.49 -23.19
CA ALA A 240 -19.57 -1.45 -24.13
C ALA A 240 -20.04 -2.86 -24.36
N PRO A 241 -21.36 -3.11 -24.37
CA PRO A 241 -21.90 -4.43 -24.70
C PRO A 241 -21.97 -4.63 -26.21
N LEU A 242 -20.83 -4.41 -26.86
CA LEU A 242 -20.76 -4.38 -28.32
C LEU A 242 -19.44 -4.99 -28.75
N SER A 243 -19.47 -5.62 -29.92
CA SER A 243 -18.27 -6.04 -30.63
C SER A 243 -18.01 -5.08 -31.80
N TYR A 244 -16.81 -5.17 -32.36
CA TYR A 244 -16.48 -4.46 -33.60
C TYR A 244 -16.52 -5.52 -34.70
N GLY A 245 -17.61 -5.49 -35.50
CA GLY A 245 -17.82 -6.44 -36.57
C GLY A 245 -17.54 -5.88 -37.97
N PRO A 246 -17.84 -6.69 -38.99
CA PRO A 246 -17.68 -6.26 -40.41
C PRO A 246 -18.47 -5.01 -40.77
N GLU A 247 -18.03 -4.36 -41.85
CA GLU A 247 -18.54 -3.12 -42.45
C GLU A 247 -18.81 -2.11 -41.33
N ARG A 248 -17.93 -2.01 -40.34
CA ARG A 248 -18.02 -1.02 -39.27
C ARG A 248 -19.20 -1.31 -38.33
N SER A 249 -19.83 -2.47 -38.46
CA SER A 249 -20.94 -2.83 -37.57
C SER A 249 -20.47 -3.03 -36.14
N ARG A 250 -21.41 -2.86 -35.20
CA ARG A 250 -21.15 -3.02 -33.77
C ARG A 250 -22.24 -3.94 -33.21
N PRO A 251 -22.13 -5.25 -33.44
CA PRO A 251 -23.15 -6.18 -32.91
C PRO A 251 -23.15 -6.22 -31.40
N TYR A 252 -24.32 -6.52 -30.84
CA TYR A 252 -24.45 -6.66 -29.38
C TYR A 252 -23.57 -7.79 -28.87
N TYR A 253 -22.96 -7.57 -27.69
CA TYR A 253 -22.16 -8.58 -27.01
C TYR A 253 -22.63 -8.65 -25.57
N ALA A 254 -23.18 -9.79 -25.18
CA ALA A 254 -23.99 -9.83 -23.95
C ALA A 254 -23.26 -10.38 -22.73
N VAL A 255 -22.14 -11.10 -22.91
CA VAL A 255 -21.55 -11.94 -21.85
C VAL A 255 -21.32 -11.12 -20.57
N ILE A 256 -20.58 -10.02 -20.70
CA ILE A 256 -20.20 -9.25 -19.52
C ILE A 256 -21.38 -8.47 -18.99
N ASP A 257 -22.10 -7.80 -19.90
CA ASP A 257 -23.23 -6.98 -19.51
C ASP A 257 -24.31 -7.80 -18.80
N ASN A 258 -24.59 -9.01 -19.29
CA ASN A 258 -25.51 -9.89 -18.58
C ASN A 258 -25.03 -10.16 -17.17
N ALA A 259 -23.73 -10.42 -17.01
CA ALA A 259 -23.24 -10.70 -15.65
C ALA A 259 -23.35 -9.48 -14.72
N LEU A 260 -23.08 -8.28 -15.24
CA LEU A 260 -23.20 -7.07 -14.42
C LEU A 260 -24.64 -6.79 -14.05
N ARG A 261 -25.55 -6.86 -15.04
CA ARG A 261 -26.96 -6.64 -14.78
C ARG A 261 -27.50 -7.69 -13.82
N SER A 262 -27.06 -8.95 -13.95
CA SER A 262 -27.51 -9.97 -13.02
C SER A 262 -27.06 -9.64 -11.60
N ALA A 263 -25.80 -9.23 -11.45
CA ALA A 263 -25.33 -8.87 -10.11
C ALA A 263 -26.12 -7.69 -9.55
N ALA A 264 -26.37 -6.68 -10.38
CA ALA A 264 -27.16 -5.53 -9.95
C ALA A 264 -28.56 -5.97 -9.53
N ALA A 265 -29.16 -6.89 -10.29
CA ALA A 265 -30.51 -7.33 -9.97
C ALA A 265 -30.55 -8.11 -8.66
N ARG A 266 -29.42 -8.73 -8.25
CA ARG A 266 -29.36 -9.40 -6.96
C ARG A 266 -29.10 -8.42 -5.83
N GLY A 267 -28.98 -7.13 -6.13
CA GLY A 267 -28.75 -6.12 -5.13
C GLY A 267 -27.29 -5.79 -4.89
N VAL A 268 -26.38 -6.31 -5.72
CA VAL A 268 -24.96 -6.00 -5.59
C VAL A 268 -24.74 -4.59 -6.11
N GLN A 269 -23.99 -3.78 -5.36
CA GLN A 269 -23.68 -2.43 -5.80
C GLN A 269 -22.60 -2.51 -6.87
N ILE A 270 -22.80 -1.81 -7.99
CA ILE A 270 -21.84 -1.82 -9.09
C ILE A 270 -21.27 -0.41 -9.19
N GLU A 271 -19.94 -0.31 -9.20
CA GLU A 271 -19.28 0.96 -9.49
C GLU A 271 -18.46 0.74 -10.75
N LEU A 272 -18.60 1.65 -11.69
CA LEU A 272 -17.87 1.52 -12.96
C LEU A 272 -17.21 2.85 -13.31
N MET A 273 -15.93 2.82 -13.59
CA MET A 273 -15.19 4.00 -14.06
C MET A 273 -14.72 3.73 -15.50
N VAL A 274 -14.99 4.65 -16.40
CA VAL A 274 -14.50 4.57 -17.78
C VAL A 274 -13.80 5.88 -18.14
N ALA A 275 -13.03 5.83 -19.22
CA ALA A 275 -12.39 7.03 -19.74
C ALA A 275 -13.41 7.89 -20.48
N ASN A 276 -13.12 9.19 -20.58
CA ASN A 276 -13.95 10.05 -21.43
C ASN A 276 -13.94 9.62 -22.90
N TRP A 277 -12.93 8.86 -23.36
CA TRP A 277 -12.91 8.37 -24.74
C TRP A 277 -14.12 7.49 -25.04
N ASN A 278 -14.65 6.90 -23.98
CA ASN A 278 -15.80 5.96 -24.03
C ASN A 278 -17.10 6.73 -24.17
N THR A 279 -17.11 8.07 -24.11
CA THR A 279 -18.36 8.80 -24.27
C THR A 279 -18.65 9.11 -25.74
N LYS A 280 -17.91 8.49 -26.65
CA LYS A 280 -18.27 8.56 -28.06
C LYS A 280 -19.56 7.79 -28.35
N LYS A 281 -20.20 8.13 -29.47
CA LYS A 281 -21.32 7.35 -29.97
C LYS A 281 -20.84 6.14 -30.74
N PRO A 282 -21.58 5.04 -30.70
CA PRO A 282 -22.84 4.89 -29.96
C PRO A 282 -22.66 4.50 -28.49
N ASP A 283 -21.39 4.35 -28.09
CA ASP A 283 -21.11 3.66 -26.84
C ASP A 283 -21.80 4.39 -25.66
N ILE A 284 -21.79 5.74 -25.69
CA ILE A 284 -22.36 6.53 -24.60
C ILE A 284 -23.82 6.18 -24.34
N ALA A 285 -24.58 5.87 -25.38
CA ALA A 285 -26.00 5.54 -25.20
C ALA A 285 -26.16 4.29 -24.36
N TRP A 286 -25.39 3.24 -24.68
CA TRP A 286 -25.40 2.03 -23.88
C TRP A 286 -24.89 2.27 -22.47
N LEU A 287 -23.93 3.19 -22.32
CA LEU A 287 -23.45 3.49 -20.97
C LEU A 287 -24.55 4.18 -20.15
N LYS A 288 -25.29 5.10 -20.76
CA LYS A 288 -26.43 5.70 -20.06
C LYS A 288 -27.46 4.65 -19.72
N SER A 289 -27.70 3.73 -20.66
CA SER A 289 -28.61 2.61 -20.40
C SER A 289 -28.19 1.85 -19.15
N LEU A 290 -26.89 1.54 -19.03
CA LEU A 290 -26.40 0.84 -17.83
C LEU A 290 -26.54 1.70 -16.59
N ALA A 291 -26.39 3.01 -16.73
CA ALA A 291 -26.52 3.89 -15.56
C ALA A 291 -27.94 3.87 -14.99
N LEU A 292 -28.95 3.50 -15.77
CA LEU A 292 -30.28 3.42 -15.15
C LEU A 292 -30.57 2.10 -14.43
N VAL A 293 -29.68 1.13 -14.54
CA VAL A 293 -29.90 -0.16 -13.86
C VAL A 293 -29.80 0.04 -12.35
N PRO A 294 -30.70 -0.56 -11.55
CA PRO A 294 -30.61 -0.39 -10.10
C PRO A 294 -29.24 -0.77 -9.56
N ASN A 295 -28.72 0.04 -8.65
CA ASN A 295 -27.53 -0.24 -7.86
C ASN A 295 -26.25 0.02 -8.65
N VAL A 296 -26.33 0.66 -9.81
CA VAL A 296 -25.17 0.94 -10.66
C VAL A 296 -24.84 2.42 -10.53
N GLN A 297 -23.56 2.71 -10.39
CA GLN A 297 -23.04 4.06 -10.44
C GLN A 297 -21.89 4.07 -11.45
N ILE A 298 -21.91 5.03 -12.38
CA ILE A 298 -20.87 5.14 -13.39
C ILE A 298 -20.24 6.52 -13.26
N LYS A 299 -18.92 6.57 -13.30
CA LYS A 299 -18.21 7.83 -13.45
C LYS A 299 -17.35 7.80 -14.71
N VAL A 300 -17.22 8.97 -15.32
CA VAL A 300 -16.40 9.17 -16.49
C VAL A 300 -15.17 9.94 -16.01
N VAL A 301 -13.98 9.47 -16.37
CA VAL A 301 -12.73 10.08 -15.92
C VAL A 301 -12.10 10.85 -17.06
N THR A 302 -11.73 12.10 -16.80
CA THR A 302 -11.03 12.93 -17.76
C THR A 302 -9.69 13.37 -17.17
N ILE A 303 -8.61 12.93 -17.80
CA ILE A 303 -7.26 13.34 -17.40
C ILE A 303 -6.89 14.62 -18.17
N PRO A 304 -6.49 15.70 -17.48
CA PRO A 304 -6.21 16.94 -18.22
C PRO A 304 -4.95 16.81 -19.08
N PRO A 305 -4.88 17.61 -20.15
CA PRO A 305 -3.64 17.66 -20.95
C PRO A 305 -2.41 17.98 -20.11
N ALA A 306 -1.26 17.45 -20.54
CA ALA A 306 0.01 17.81 -19.94
C ALA A 306 0.31 19.28 -20.24
N SER A 307 1.04 19.91 -19.34
CA SER A 307 1.25 21.37 -19.44
C SER A 307 1.99 21.78 -20.70
N HIS A 308 2.93 20.96 -21.17
CA HIS A 308 3.69 21.33 -22.36
C HIS A 308 2.90 21.22 -23.66
N GLY A 309 1.74 20.57 -23.66
CA GLY A 309 0.91 20.55 -24.85
C GLY A 309 0.18 19.25 -25.12
N PHE A 310 -0.73 19.29 -26.10
CA PHE A 310 -1.50 18.12 -26.49
C PHE A 310 -0.61 16.95 -26.92
N ILE A 311 -0.97 15.77 -26.44
CA ILE A 311 -0.32 14.52 -26.83
C ILE A 311 -1.37 13.54 -27.36
N PRO A 312 -1.28 13.11 -28.61
CA PRO A 312 -2.28 12.19 -29.16
C PRO A 312 -2.29 10.87 -28.41
N PHE A 313 -3.49 10.34 -28.17
CA PHE A 313 -3.69 9.04 -27.53
C PHE A 313 -2.92 8.94 -26.23
N ALA A 314 -3.08 9.96 -25.39
CA ALA A 314 -2.48 9.96 -24.07
C ALA A 314 -3.41 10.76 -23.15
N ARG A 315 -2.99 10.90 -21.89
CA ARG A 315 -3.76 11.61 -20.86
C ARG A 315 -5.14 10.97 -20.71
N VAL A 316 -5.13 9.74 -20.19
CA VAL A 316 -6.33 8.94 -20.18
C VAL A 316 -6.12 7.86 -19.12
N ILE A 317 -7.20 7.22 -18.68
CA ILE A 317 -7.05 6.05 -17.81
C ILE A 317 -7.11 4.80 -18.67
N HIS A 318 -6.23 3.87 -18.32
CA HIS A 318 -6.04 2.64 -19.11
C HIS A 318 -6.07 1.39 -18.24
N SER A 319 -5.92 1.53 -16.92
CA SER A 319 -5.95 0.38 -16.02
C SER A 319 -7.24 -0.43 -16.22
N LYS A 320 -7.11 -1.77 -16.19
CA LYS A 320 -8.28 -2.69 -16.30
C LYS A 320 -8.33 -3.43 -14.98
N LEU A 321 -9.14 -2.93 -14.03
CA LEU A 321 -9.15 -3.40 -12.65
C LEU A 321 -10.56 -3.79 -12.25
N MET A 322 -10.65 -4.74 -11.34
CA MET A 322 -11.91 -5.03 -10.67
C MET A 322 -11.62 -5.48 -9.26
N THR A 323 -12.45 -5.06 -8.32
CA THR A 323 -12.50 -5.70 -7.01
C THR A 323 -13.91 -6.17 -6.75
N ILE A 324 -14.01 -7.31 -6.08
CA ILE A 324 -15.29 -7.87 -5.65
C ILE A 324 -15.26 -8.01 -4.13
N ASP A 325 -16.21 -7.34 -3.46
CA ASP A 325 -16.47 -7.54 -2.03
C ASP A 325 -15.24 -7.20 -1.18
N GLY A 326 -14.40 -6.33 -1.71
CA GLY A 326 -13.13 -5.97 -1.10
C GLY A 326 -12.19 -7.13 -0.83
N GLU A 327 -12.43 -8.28 -1.45
CA GLU A 327 -11.71 -9.52 -1.13
C GLU A 327 -11.06 -10.16 -2.34
N THR A 328 -11.61 -9.93 -3.54
CA THR A 328 -11.08 -10.52 -4.76
C THR A 328 -10.64 -9.40 -5.69
N ALA A 329 -9.49 -9.57 -6.31
CA ALA A 329 -8.93 -8.59 -7.24
C ALA A 329 -8.77 -9.18 -8.63
N TRP A 330 -8.96 -8.32 -9.64
CA TRP A 330 -8.80 -8.58 -11.06
C TRP A 330 -7.90 -7.52 -11.65
N VAL A 331 -6.80 -7.91 -12.30
CA VAL A 331 -5.95 -6.96 -13.02
C VAL A 331 -5.71 -7.56 -14.39
N GLY A 332 -6.13 -6.87 -15.44
CA GLY A 332 -6.14 -7.50 -16.74
C GLY A 332 -5.63 -6.62 -17.87
N THR A 333 -5.61 -7.22 -19.06
CA THR A 333 -5.23 -6.52 -20.29
C THR A 333 -6.44 -6.10 -21.11
N SER A 334 -7.65 -6.55 -20.75
CA SER A 334 -8.83 -6.41 -21.59
C SER A 334 -9.69 -5.24 -21.16
N ASN A 335 -10.16 -4.45 -22.12
CA ASN A 335 -11.33 -3.63 -21.86
C ASN A 335 -12.57 -4.52 -21.91
N TRP A 336 -13.70 -3.99 -21.45
CA TRP A 336 -14.89 -4.81 -21.25
C TRP A 336 -15.91 -4.56 -22.36
N THR A 337 -15.49 -4.98 -23.55
CA THR A 337 -16.35 -4.99 -24.74
C THR A 337 -16.19 -6.35 -25.39
N GLY A 338 -16.98 -6.61 -26.42
CA GLY A 338 -16.72 -7.76 -27.26
C GLY A 338 -15.39 -7.61 -27.99
N GLY A 339 -14.78 -8.74 -28.30
CA GLY A 339 -13.51 -8.80 -29.00
C GLY A 339 -12.34 -9.17 -28.10
N TYR A 340 -12.39 -8.80 -26.83
CA TYR A 340 -11.27 -9.08 -25.92
C TYR A 340 -11.25 -10.50 -25.36
N LEU A 341 -12.32 -10.90 -24.69
CA LEU A 341 -12.31 -12.19 -24.03
C LEU A 341 -12.70 -13.32 -24.96
N ASP A 342 -13.26 -13.01 -26.13
CA ASP A 342 -13.74 -14.07 -27.01
C ASP A 342 -12.75 -14.42 -28.11
N ASN A 343 -12.24 -13.43 -28.84
CA ASN A 343 -11.47 -13.76 -30.03
C ASN A 343 -10.09 -13.12 -30.08
N SER A 344 -9.61 -12.55 -28.97
CA SER A 344 -8.29 -11.94 -28.92
C SER A 344 -7.47 -12.60 -27.82
N ARG A 345 -6.15 -12.53 -27.99
CA ARG A 345 -5.23 -12.94 -26.93
C ARG A 345 -5.18 -11.86 -25.88
N ASN A 346 -5.68 -12.19 -24.69
CA ASN A 346 -5.67 -11.30 -23.54
C ASN A 346 -5.37 -12.16 -22.31
N LEU A 347 -4.85 -11.54 -21.25
CA LEU A 347 -4.47 -12.20 -20.00
C LEU A 347 -5.07 -11.43 -18.85
N GLU A 348 -5.58 -12.10 -17.84
CA GLU A 348 -6.08 -11.35 -16.68
C GLU A 348 -5.63 -12.11 -15.43
N LEU A 349 -5.33 -11.40 -14.36
CA LEU A 349 -4.97 -12.10 -13.13
C LEU A 349 -6.12 -11.99 -12.12
N VAL A 350 -6.49 -13.12 -11.51
CA VAL A 350 -7.50 -13.15 -10.45
C VAL A 350 -6.77 -13.48 -9.16
N LEU A 351 -6.87 -12.60 -8.18
CA LEU A 351 -6.19 -12.77 -6.90
C LEU A 351 -7.24 -12.77 -5.80
N HIS A 352 -7.51 -13.93 -5.21
CA HIS A 352 -8.36 -13.97 -4.02
C HIS A 352 -7.51 -13.60 -2.82
N SER A 353 -7.24 -12.30 -2.70
CA SER A 353 -6.26 -11.75 -1.79
C SER A 353 -6.87 -10.52 -1.15
N PRO A 354 -7.29 -10.59 0.11
CA PRO A 354 -7.77 -9.37 0.76
C PRO A 354 -6.74 -8.24 0.74
N ALA A 355 -5.45 -8.55 0.91
CA ALA A 355 -4.43 -7.50 0.92
C ALA A 355 -4.36 -6.75 -0.41
N MET A 356 -4.30 -7.52 -1.51
CA MET A 356 -4.23 -6.89 -2.82
C MET A 356 -5.52 -6.14 -3.14
N SER A 357 -6.66 -6.73 -2.79
CA SER A 357 -7.95 -6.08 -3.04
C SER A 357 -8.08 -4.76 -2.29
N GLN A 358 -7.61 -4.73 -1.04
CA GLN A 358 -7.66 -3.50 -0.26
C GLN A 358 -6.79 -2.43 -0.89
N ARG A 359 -5.56 -2.79 -1.31
CA ARG A 359 -4.71 -1.79 -1.96
C ARG A 359 -5.32 -1.32 -3.27
N LEU A 360 -5.90 -2.24 -4.03
CA LEU A 360 -6.55 -1.83 -5.27
C LEU A 360 -7.79 -0.99 -5.02
N ASP A 361 -8.54 -1.28 -3.95
CA ASP A 361 -9.68 -0.45 -3.59
C ASP A 361 -9.24 0.94 -3.20
N THR A 362 -8.07 1.06 -2.55
CA THR A 362 -7.54 2.39 -2.24
C THR A 362 -7.20 3.14 -3.52
N LEU A 363 -6.58 2.45 -4.47
CA LEU A 363 -6.26 3.06 -5.75
C LEU A 363 -7.52 3.47 -6.51
N TYR A 364 -8.54 2.60 -6.44
CA TYR A 364 -9.79 2.87 -7.13
C TYR A 364 -10.46 4.09 -6.52
N SER A 365 -10.51 4.14 -5.18
CA SER A 365 -11.12 5.26 -4.47
C SER A 365 -10.39 6.56 -4.75
N GLN A 366 -9.06 6.50 -4.81
CA GLN A 366 -8.28 7.68 -5.18
C GLN A 366 -8.77 8.26 -6.49
N LEU A 367 -9.00 7.40 -7.48
CA LEU A 367 -9.47 7.94 -8.76
C LEU A 367 -10.95 8.36 -8.69
N TRP A 368 -11.80 7.51 -8.11
CA TRP A 368 -13.23 7.74 -7.97
C TRP A 368 -13.51 9.05 -7.24
N ASP A 369 -12.70 9.37 -6.24
CA ASP A 369 -12.91 10.53 -5.38
C ASP A 369 -12.20 11.77 -5.91
N SER A 370 -11.49 11.65 -7.02
CA SER A 370 -10.66 12.75 -7.52
C SER A 370 -11.49 13.74 -8.32
N VAL A 371 -10.87 14.88 -8.60
CA VAL A 371 -11.48 15.90 -9.45
C VAL A 371 -11.58 15.44 -10.89
N TYR A 372 -10.91 14.33 -11.26
CA TYR A 372 -10.91 13.86 -12.64
C TYR A 372 -12.13 13.00 -12.96
N ALA A 373 -12.78 12.44 -11.94
CA ALA A 373 -13.90 11.54 -12.13
C ALA A 373 -15.19 12.32 -11.88
N GLU A 374 -16.18 12.12 -12.75
CA GLU A 374 -17.46 12.74 -12.48
C GLU A 374 -18.60 11.82 -12.91
N PRO A 375 -19.73 11.87 -12.18
CA PRO A 375 -20.87 11.01 -12.52
C PRO A 375 -21.29 11.19 -13.97
N ILE A 376 -21.66 10.07 -14.60
CA ILE A 376 -22.30 10.16 -15.90
C ILE A 376 -23.53 11.07 -15.79
N LYS A 377 -23.75 11.86 -16.83
CA LYS A 377 -24.84 12.84 -16.86
C LYS A 377 -25.83 12.38 -17.91
N LEU A 378 -26.98 11.87 -17.46
CA LEU A 378 -27.95 11.25 -18.35
C LEU A 378 -28.47 12.24 -19.40
N ASP A 379 -28.58 13.50 -19.05
CA ASP A 379 -29.21 14.51 -19.91
C ASP A 379 -28.21 15.23 -20.82
N TYR A 380 -26.93 14.92 -20.70
CA TYR A 380 -25.87 15.69 -21.35
C TYR A 380 -25.48 15.06 -22.68
N ASP A 381 -25.35 15.89 -23.71
CA ASP A 381 -24.90 15.44 -25.02
C ASP A 381 -23.38 15.50 -25.01
N TYR A 382 -22.75 14.35 -24.80
CA TYR A 382 -21.31 14.31 -24.68
C TYR A 382 -20.65 14.67 -26.01
N PRO A 383 -19.74 15.64 -26.04
CA PRO A 383 -19.04 15.93 -27.29
C PRO A 383 -18.19 14.73 -27.68
N ALA A 384 -18.02 14.57 -28.99
CA ALA A 384 -17.19 13.49 -29.50
C ALA A 384 -15.79 13.62 -28.89
N PRO A 385 -15.28 12.58 -28.22
CA PRO A 385 -13.90 12.65 -27.74
C PRO A 385 -13.02 12.75 -28.97
N LYS A 386 -11.87 13.39 -28.81
CA LYS A 386 -10.94 13.51 -29.93
C LYS A 386 -9.59 13.04 -29.42
N PRO A 387 -9.43 11.73 -29.19
CA PRO A 387 -8.18 11.25 -28.56
C PRO A 387 -6.97 11.57 -29.40
N GLY A 388 -7.11 11.61 -30.73
CA GLY A 388 -6.11 11.98 -31.72
C GLY A 388 -5.97 13.45 -31.95
N GLY A 389 -6.84 14.22 -31.33
CA GLY A 389 -7.02 15.59 -31.71
C GLY A 389 -8.05 15.75 -32.82
N GLU A 390 -8.89 16.76 -32.61
CA GLU A 390 -9.13 17.82 -33.58
C GLU A 390 -9.01 17.57 -35.05
N HIS B 7 -4.59 -8.87 37.85
CA HIS B 7 -4.48 -9.13 36.41
C HIS B 7 -4.13 -7.87 35.63
N ARG B 8 -3.66 -6.85 36.34
CA ARG B 8 -3.18 -5.60 35.73
C ARG B 8 -2.01 -5.03 36.53
N PHE B 9 -1.33 -4.05 35.91
CA PHE B 9 -0.23 -3.34 36.54
C PHE B 9 -0.46 -1.85 36.39
N ASP B 10 -0.44 -1.18 37.52
CA ASP B 10 -0.61 0.27 37.47
C ASP B 10 0.13 0.93 38.61
N ILE B 11 0.41 2.18 38.37
CA ILE B 11 0.82 3.12 39.39
C ILE B 11 -0.26 4.19 39.42
N PRO B 12 -0.30 5.05 40.44
CA PRO B 12 -1.30 6.12 40.41
C PRO B 12 -1.26 6.89 39.10
N GLY B 13 -2.39 6.93 38.41
CA GLY B 13 -2.55 7.65 37.17
C GLY B 13 -2.20 6.88 35.91
N TYR B 14 -1.53 5.73 36.02
CA TYR B 14 -1.03 5.02 34.83
C TYR B 14 -1.19 3.51 34.92
N GLU B 15 -1.77 2.91 33.89
CA GLU B 15 -1.84 1.47 33.75
C GLU B 15 -1.00 1.06 32.54
N LEU B 16 -0.11 0.08 32.73
CA LEU B 16 0.68 -0.47 31.62
C LEU B 16 -0.14 -1.48 30.85
N VAL B 17 -0.23 -1.30 29.53
CA VAL B 17 -1.08 -2.12 28.66
C VAL B 17 -0.19 -2.76 27.62
N TYR B 18 -0.36 -4.06 27.39
CA TYR B 18 0.62 -4.81 26.61
C TYR B 18 -0.06 -5.86 25.75
N THR B 19 0.39 -5.96 24.50
CA THR B 19 0.04 -7.09 23.64
C THR B 19 1.32 -7.79 23.20
N ALA B 20 1.36 -9.07 23.36
CA ALA B 20 2.40 -9.93 22.81
C ALA B 20 1.95 -10.54 21.48
N PRO B 21 2.85 -10.80 20.55
CA PRO B 21 2.44 -11.54 19.35
C PRO B 21 1.94 -12.92 19.75
N VAL B 22 0.84 -13.35 19.11
CA VAL B 22 0.35 -14.70 19.38
C VAL B 22 1.42 -15.70 18.97
N GLU B 23 1.41 -16.87 19.62
CA GLU B 23 2.34 -17.96 19.32
C GLU B 23 3.78 -17.60 19.67
N THR B 24 3.99 -16.69 20.61
CA THR B 24 5.32 -16.46 21.13
C THR B 24 5.28 -16.63 22.63
N ALA B 25 6.44 -16.94 23.20
CA ALA B 25 6.55 -17.09 24.65
C ALA B 25 6.81 -15.74 25.31
N LEU B 26 5.97 -14.75 25.02
CA LEU B 26 6.18 -13.39 25.46
C LEU B 26 4.96 -12.85 26.19
N GLN B 27 4.07 -13.75 26.62
CA GLN B 27 2.84 -13.34 27.29
C GLN B 27 3.15 -12.83 28.69
N ALA B 28 2.29 -11.93 29.17
CA ALA B 28 2.43 -11.37 30.52
C ALA B 28 1.06 -11.43 31.18
N ASP B 29 0.89 -12.40 32.09
CA ASP B 29 -0.43 -12.66 32.67
C ASP B 29 -0.93 -11.50 33.53
N ASP B 30 -0.02 -10.65 33.98
CA ASP B 30 -0.36 -9.54 34.88
C ASP B 30 -0.62 -8.22 34.17
N LEU B 31 -0.54 -8.16 32.85
CA LEU B 31 -0.84 -6.93 32.11
C LEU B 31 -2.10 -7.12 31.29
N ARG B 32 -2.98 -6.13 31.33
CA ARG B 32 -4.13 -6.18 30.46
C ARG B 32 -3.70 -5.92 29.03
N ASN B 33 -4.42 -6.52 28.09
CA ASN B 33 -4.04 -6.41 26.70
C ASN B 33 -4.77 -5.26 26.03
N THR B 34 -4.23 -4.84 24.88
CA THR B 34 -4.74 -3.63 24.23
C THR B 34 -6.22 -3.74 23.92
N ALA B 35 -6.66 -4.86 23.34
CA ALA B 35 -8.04 -4.95 22.87
C ALA B 35 -9.04 -4.78 24.04
N GLU B 36 -8.81 -5.47 25.16
CA GLU B 36 -9.73 -5.32 26.29
C GLU B 36 -9.73 -3.91 26.82
N VAL B 37 -8.57 -3.28 26.91
CA VAL B 37 -8.52 -1.94 27.47
C VAL B 37 -9.28 -0.96 26.59
N TRP B 38 -9.06 -1.00 25.25
CA TRP B 38 -9.80 -0.11 24.34
C TRP B 38 -11.30 -0.36 24.41
N GLN B 39 -11.72 -1.63 24.39
CA GLN B 39 -13.15 -1.90 24.50
C GLN B 39 -13.75 -1.31 25.76
N GLN B 40 -13.06 -1.51 26.90
CA GLN B 40 -13.58 -0.99 28.16
C GLN B 40 -13.57 0.54 28.18
N MET B 41 -12.53 1.14 27.61
CA MET B 41 -12.46 2.60 27.56
C MET B 41 -13.64 3.17 26.75
N PHE B 42 -13.96 2.55 25.61
CA PHE B 42 -15.08 3.03 24.80
C PHE B 42 -16.40 2.81 25.54
N ASP B 43 -16.51 1.68 26.25
CA ASP B 43 -17.76 1.39 26.96
C ASP B 43 -18.03 2.42 28.06
N ALA B 44 -16.98 2.92 28.68
CA ALA B 44 -17.11 3.89 29.78
C ALA B 44 -17.38 5.31 29.31
N ALA B 45 -17.28 5.57 28.00
CA ALA B 45 -17.44 6.92 27.50
C ALA B 45 -18.86 7.41 27.72
N LYS B 46 -18.97 8.61 28.29
CA LYS B 46 -20.27 9.24 28.54
C LYS B 46 -20.60 10.32 27.50
N THR B 47 -19.58 10.99 26.96
CA THR B 47 -19.78 12.20 26.19
C THR B 47 -18.97 12.24 24.89
N ARG B 48 -17.67 11.96 24.99
CA ARG B 48 -16.77 12.20 23.87
C ARG B 48 -15.70 11.11 23.84
N ILE B 49 -15.36 10.67 22.62
CA ILE B 49 -14.15 9.90 22.35
C ILE B 49 -13.39 10.62 21.25
N ASP B 50 -12.12 10.86 21.47
CA ASP B 50 -11.25 11.45 20.45
C ASP B 50 -10.16 10.44 20.14
N LEU B 51 -9.82 10.30 18.86
CA LEU B 51 -8.78 9.36 18.47
C LEU B 51 -7.82 10.10 17.55
N GLY B 52 -6.52 9.96 17.81
CA GLY B 52 -5.50 10.47 16.91
C GLY B 52 -4.72 9.28 16.42
N GLN B 53 -4.66 9.05 15.10
CA GLN B 53 -4.11 7.81 14.59
C GLN B 53 -3.34 8.08 13.30
N PHE B 54 -2.39 7.20 13.01
CA PHE B 54 -1.64 7.22 11.76
C PHE B 54 -2.46 6.59 10.64
N TYR B 55 -3.04 5.41 10.88
CA TYR B 55 -3.83 4.75 9.85
C TYR B 55 -4.80 3.78 10.54
N VAL B 56 -5.65 3.16 9.75
CA VAL B 56 -6.66 2.25 10.27
C VAL B 56 -6.66 1.01 9.40
N ALA B 57 -6.43 -0.16 9.99
CA ALA B 57 -6.37 -1.38 9.18
C ALA B 57 -7.15 -2.50 9.88
N ASN B 58 -8.00 -3.20 9.16
CA ASN B 58 -8.84 -4.20 9.80
C ASN B 58 -8.91 -5.46 8.96
N GLN B 59 -9.21 -6.56 9.64
CA GLN B 59 -9.49 -7.86 9.05
C GLN B 59 -10.74 -8.40 9.73
N GLN B 60 -11.71 -8.86 8.93
CA GLN B 60 -12.95 -9.36 9.51
C GLN B 60 -12.62 -10.49 10.48
N GLY B 61 -13.24 -10.46 11.66
CA GLY B 61 -13.07 -11.48 12.68
C GLY B 61 -11.91 -11.23 13.64
N SER B 62 -11.15 -10.17 13.45
CA SER B 62 -10.01 -9.86 14.30
C SER B 62 -10.48 -9.29 15.64
N LEU B 63 -9.51 -9.06 16.54
CA LEU B 63 -9.81 -8.38 17.81
C LEU B 63 -10.19 -6.93 17.59
N LEU B 64 -9.60 -6.30 16.56
CA LEU B 64 -9.96 -4.93 16.26
C LEU B 64 -11.40 -4.83 15.82
N ASP B 65 -11.90 -5.87 15.19
CA ASP B 65 -13.26 -5.81 14.70
C ASP B 65 -14.22 -5.66 15.93
N GLY B 66 -13.93 -6.36 17.04
CA GLY B 66 -14.65 -6.13 18.30
C GLY B 66 -14.44 -4.73 18.89
N VAL B 67 -13.19 -4.24 18.85
CA VAL B 67 -12.96 -2.85 19.29
C VAL B 67 -13.86 -1.90 18.52
N LEU B 68 -13.91 -2.09 17.21
CA LEU B 68 -14.74 -1.24 16.37
C LEU B 68 -16.19 -1.38 16.76
N GLN B 69 -16.58 -2.57 17.19
CA GLN B 69 -18.01 -2.69 17.41
C GLN B 69 -18.37 -1.89 18.66
N HIS B 70 -17.47 -1.90 19.67
CA HIS B 70 -17.66 -1.11 20.88
C HIS B 70 -17.61 0.39 20.60
N LEU B 71 -16.74 0.81 19.69
CA LEU B 71 -16.76 2.21 19.28
C LEU B 71 -18.09 2.57 18.62
N LYS B 72 -18.58 1.69 17.74
CA LYS B 72 -19.88 1.91 17.12
C LYS B 72 -20.99 2.02 18.17
N ALA B 73 -20.98 1.12 19.16
CA ALA B 73 -21.99 1.18 20.23
C ALA B 73 -21.92 2.49 21.01
N ALA B 74 -20.71 3.03 21.20
CA ALA B 74 -20.60 4.32 21.88
C ALA B 74 -21.27 5.42 21.04
N GLY B 75 -20.95 5.44 19.74
CA GLY B 75 -21.63 6.37 18.84
C GLY B 75 -23.15 6.24 18.87
N GLU B 76 -23.64 4.99 18.90
CA GLU B 76 -25.08 4.74 18.91
C GLU B 76 -25.77 5.24 20.18
N ARG B 77 -25.08 5.24 21.32
CA ARG B 77 -25.67 5.78 22.53
C ARG B 77 -25.47 7.29 22.67
N GLY B 78 -24.95 7.93 21.63
CA GLY B 78 -24.81 9.37 21.55
C GLY B 78 -23.45 9.95 21.89
N VAL B 79 -22.42 9.12 22.08
CA VAL B 79 -21.07 9.64 22.29
C VAL B 79 -20.58 10.27 21.01
N LYS B 80 -20.12 11.52 21.10
CA LYS B 80 -19.53 12.20 19.96
C LYS B 80 -18.09 11.71 19.78
N ILE B 81 -17.76 11.27 18.59
CA ILE B 81 -16.45 10.71 18.30
C ILE B 81 -15.75 11.59 17.29
N ARG B 82 -14.53 12.01 17.60
CA ARG B 82 -13.71 12.76 16.67
C ARG B 82 -12.51 11.89 16.35
N PHE B 83 -12.39 11.50 15.09
CA PHE B 83 -11.34 10.59 14.64
C PHE B 83 -10.45 11.40 13.71
N LEU B 84 -9.21 11.63 14.15
CA LEU B 84 -8.22 12.40 13.40
C LEU B 84 -7.14 11.45 12.89
N MET B 85 -6.93 11.45 11.57
CA MET B 85 -5.99 10.50 10.98
C MET B 85 -5.06 11.21 10.02
N GLU B 86 -3.83 10.68 9.91
CA GLU B 86 -2.84 11.20 8.98
C GLU B 86 -3.20 10.94 7.53
N GLU B 87 -3.06 11.96 6.67
CA GLU B 87 -3.34 11.79 5.25
C GLU B 87 -2.47 10.71 4.62
N LYS B 88 -1.18 10.68 4.97
CA LYS B 88 -0.31 9.63 4.45
C LYS B 88 -0.75 8.25 4.92
N GLY B 89 -1.61 8.19 5.94
CA GLY B 89 -2.15 6.94 6.42
C GLY B 89 -3.21 6.34 5.51
N ILE B 90 -3.82 7.14 4.64
CA ILE B 90 -4.88 6.60 3.78
C ILE B 90 -4.38 5.40 2.99
N ARG B 91 -3.21 5.52 2.36
CA ARG B 91 -2.69 4.43 1.54
C ARG B 91 -2.38 3.19 2.37
N LEU B 92 -2.22 3.34 3.69
CA LEU B 92 -1.93 2.22 4.56
C LEU B 92 -3.18 1.60 5.15
N SER B 93 -4.31 2.22 4.91
CA SER B 93 -5.54 1.86 5.60
C SER B 93 -6.33 0.86 4.80
N THR B 94 -7.21 0.16 5.48
CA THR B 94 -8.20 -0.70 4.85
C THR B 94 -9.41 0.16 4.50
N PRO B 95 -9.68 0.41 3.22
CA PRO B 95 -10.72 1.41 2.86
C PRO B 95 -12.10 1.08 3.42
N GLU B 96 -12.44 -0.21 3.51
CA GLU B 96 -13.70 -0.61 4.11
C GLU B 96 -13.81 -0.12 5.54
N THR B 97 -12.70 -0.11 6.27
CA THR B 97 -12.75 0.30 7.66
C THR B 97 -13.02 1.79 7.77
N LEU B 98 -12.45 2.56 6.84
CA LEU B 98 -12.69 4.00 6.81
C LEU B 98 -14.17 4.26 6.59
N GLU B 99 -14.78 3.49 5.69
CA GLU B 99 -16.22 3.64 5.47
C GLU B 99 -17.03 3.20 6.69
N GLN B 100 -16.63 2.12 7.37
CA GLN B 100 -17.34 1.74 8.59
C GLN B 100 -17.26 2.82 9.66
N LEU B 101 -16.07 3.39 9.86
CA LEU B 101 -15.93 4.49 10.82
C LEU B 101 -16.86 5.64 10.47
N LYS B 102 -16.87 6.05 9.19
CA LYS B 102 -17.70 7.18 8.81
C LYS B 102 -19.18 6.90 9.01
N ALA B 103 -19.58 5.62 9.02
CA ALA B 103 -20.98 5.25 9.22
C ALA B 103 -21.37 5.19 10.69
N ILE B 104 -20.43 5.32 11.62
CA ILE B 104 -20.81 5.31 13.04
C ILE B 104 -21.55 6.60 13.38
N PRO B 105 -22.73 6.54 13.98
CA PRO B 105 -23.44 7.76 14.38
C PRO B 105 -22.57 8.62 15.29
N ASN B 106 -22.59 9.92 15.02
CA ASN B 106 -21.92 10.93 15.84
C ASN B 106 -20.41 10.87 15.71
N LEU B 107 -19.89 10.19 14.70
CA LEU B 107 -18.46 10.15 14.43
C LEU B 107 -18.14 11.10 13.28
N GLU B 108 -17.15 11.95 13.50
CA GLU B 108 -16.57 12.79 12.46
C GLU B 108 -15.14 12.35 12.20
N LEU B 109 -14.82 12.05 10.95
CA LEU B 109 -13.48 11.63 10.54
C LEU B 109 -12.82 12.79 9.82
N ARG B 110 -11.68 13.25 10.34
CA ARG B 110 -10.90 14.29 9.70
C ARG B 110 -9.52 13.75 9.34
N ILE B 111 -9.08 14.07 8.13
CA ILE B 111 -7.80 13.59 7.63
C ILE B 111 -6.88 14.80 7.54
N ILE B 112 -5.76 14.74 8.23
CA ILE B 112 -4.84 15.87 8.33
C ILE B 112 -3.54 15.53 7.63
N PRO B 113 -3.09 16.35 6.68
CA PRO B 113 -1.76 16.21 6.06
C PRO B 113 -0.71 16.91 6.88
N TYR B 114 0.01 16.20 7.76
CA TYR B 114 0.55 16.96 8.84
C TYR B 114 1.83 17.57 8.19
N ARG B 115 2.17 17.07 6.97
CA ARG B 115 3.25 17.58 6.12
C ARG B 115 3.15 19.07 5.90
N ARG B 116 1.93 19.58 5.88
CA ARG B 116 1.69 20.99 5.62
C ARG B 116 2.01 21.83 6.85
N LEU B 117 2.18 21.21 8.01
CA LEU B 117 2.46 21.92 9.25
C LEU B 117 3.95 21.90 9.55
N SER B 118 4.50 20.72 9.82
CA SER B 118 5.87 20.61 10.26
C SER B 118 6.71 19.75 9.32
N GLY B 119 6.11 19.19 8.26
CA GLY B 119 6.83 18.42 7.27
C GLY B 119 6.77 16.91 7.46
N GLY B 120 6.36 16.44 8.62
CA GLY B 120 6.27 15.00 8.91
C GLY B 120 4.85 14.48 8.87
N ILE B 121 4.49 13.64 9.83
CA ILE B 121 3.20 12.99 9.82
C ILE B 121 2.57 13.10 11.19
N LEU B 122 1.26 12.92 11.24
CA LEU B 122 0.60 12.56 12.49
C LEU B 122 0.87 11.08 12.73
N HIS B 123 1.82 10.80 13.60
CA HIS B 123 2.23 9.44 13.89
C HIS B 123 1.71 8.94 15.21
N ALA B 124 1.43 9.87 16.14
CA ALA B 124 0.97 9.50 17.47
C ALA B 124 -0.24 8.62 17.35
N LYS B 125 -0.32 7.68 18.28
CA LYS B 125 -1.42 6.69 18.37
C LYS B 125 -2.07 6.88 19.76
N TYR B 126 -3.22 7.54 19.81
CA TYR B 126 -3.75 7.83 21.12
C TYR B 126 -5.27 7.95 21.07
N LEU B 127 -5.85 7.84 22.28
CA LEU B 127 -7.28 7.86 22.51
C LEU B 127 -7.52 8.82 23.66
N LEU B 128 -8.64 9.53 23.61
CA LEU B 128 -9.12 10.35 24.72
C LEU B 128 -10.58 10.02 24.98
N VAL B 129 -10.95 9.89 26.25
CA VAL B 129 -12.35 9.63 26.61
C VAL B 129 -12.78 10.66 27.65
N ASP B 130 -13.77 11.47 27.29
CA ASP B 130 -14.45 12.43 28.15
C ASP B 130 -13.48 13.49 28.71
N GLY B 131 -12.31 13.65 28.08
CA GLY B 131 -11.30 14.52 28.64
C GLY B 131 -10.82 14.09 30.01
N GLU B 132 -11.03 12.84 30.37
CA GLU B 132 -10.72 12.31 31.68
C GLU B 132 -9.71 11.18 31.64
N GLN B 133 -9.70 10.39 30.56
CA GLN B 133 -8.71 9.32 30.43
C GLN B 133 -8.11 9.38 29.03
N ALA B 134 -6.87 8.91 28.92
CA ALA B 134 -6.20 8.85 27.63
C ALA B 134 -5.55 7.48 27.48
N PHE B 135 -5.28 7.10 26.25
CA PHE B 135 -4.40 5.98 25.99
C PHE B 135 -3.32 6.49 25.05
N VAL B 136 -2.06 6.18 25.35
CA VAL B 136 -0.97 6.50 24.43
C VAL B 136 -0.11 5.26 24.30
N GLY B 137 0.25 4.88 23.07
CA GLY B 137 1.09 3.70 22.98
C GLY B 137 1.64 3.52 21.59
N SER B 138 2.35 2.41 21.40
CA SER B 138 2.86 2.04 20.09
C SER B 138 1.75 1.51 19.18
N GLN B 139 0.59 1.16 19.76
CA GLN B 139 -0.47 0.44 19.04
C GLN B 139 -1.17 1.33 18.00
N ASN B 140 -0.97 1.03 16.73
CA ASN B 140 -1.85 1.61 15.71
C ASN B 140 -3.26 1.03 15.81
N PHE B 141 -4.19 1.72 15.14
CA PHE B 141 -5.58 1.26 15.04
C PHE B 141 -5.64 0.16 13.98
N ASP B 142 -5.07 -0.99 14.33
CA ASP B 142 -4.64 -1.96 13.34
C ASP B 142 -4.82 -3.33 13.96
N TRP B 143 -5.52 -4.22 13.27
CA TRP B 143 -5.78 -5.54 13.85
C TRP B 143 -4.48 -6.25 14.20
N ARG B 144 -3.40 -5.96 13.45
CA ARG B 144 -2.11 -6.60 13.69
C ARG B 144 -1.51 -6.12 15.00
N ALA B 145 -1.80 -4.88 15.39
CA ALA B 145 -1.32 -4.34 16.65
C ALA B 145 -1.96 -5.05 17.82
N LEU B 146 -3.08 -5.74 17.61
CA LEU B 146 -3.80 -6.33 18.71
C LEU B 146 -3.50 -7.81 18.86
N GLU B 147 -2.71 -8.38 17.94
CA GLU B 147 -2.54 -9.83 17.85
C GLU B 147 -1.15 -10.27 17.43
N HIS B 148 -0.42 -9.51 16.62
CA HIS B 148 0.74 -10.08 15.95
C HIS B 148 2.01 -9.27 16.24
N ILE B 149 1.96 -8.33 17.15
CA ILE B 149 3.04 -7.39 17.35
C ILE B 149 3.26 -7.20 18.84
N HIS B 150 4.52 -7.08 19.24
CA HIS B 150 4.89 -6.69 20.60
C HIS B 150 4.63 -5.20 20.72
N GLU B 151 3.64 -4.83 21.53
CA GLU B 151 3.11 -3.48 21.57
C GLU B 151 2.92 -3.08 23.02
N THR B 152 3.21 -1.82 23.35
CA THR B 152 3.10 -1.37 24.74
C THR B 152 2.52 0.04 24.76
N GLY B 153 1.61 0.29 25.72
CA GLY B 153 1.00 1.60 25.86
C GLY B 153 0.62 1.82 27.31
N LEU B 154 0.04 2.99 27.57
CA LEU B 154 -0.37 3.40 28.91
C LEU B 154 -1.79 3.91 28.83
N ARG B 155 -2.64 3.45 29.74
CA ARG B 155 -3.91 4.11 29.97
C ARG B 155 -3.67 5.14 31.08
N ILE B 156 -3.98 6.40 30.80
CA ILE B 156 -3.58 7.53 31.63
C ILE B 156 -4.84 8.08 32.27
N SER B 157 -4.81 8.24 33.58
CA SER B 157 -5.91 8.90 34.27
C SER B 157 -5.43 10.11 35.06
N ASP B 158 -4.14 10.44 34.95
CA ASP B 158 -3.51 11.63 35.53
C ASP B 158 -4.08 12.88 34.84
N ALA B 159 -4.92 13.63 35.56
CA ALA B 159 -5.67 14.73 34.96
C ALA B 159 -4.78 15.77 34.28
N GLY B 160 -3.63 16.10 34.85
CA GLY B 160 -2.77 17.09 34.21
C GLY B 160 -2.30 16.61 32.85
N VAL B 161 -1.86 15.36 32.78
CA VAL B 161 -1.37 14.83 31.51
C VAL B 161 -2.51 14.66 30.53
N VAL B 162 -3.65 14.12 30.98
CA VAL B 162 -4.80 13.96 30.11
C VAL B 162 -5.21 15.32 29.54
N GLY B 163 -5.16 16.37 30.38
CA GLY B 163 -5.48 17.70 29.89
C GLY B 163 -4.51 18.16 28.81
N GLN B 164 -3.22 17.84 28.95
CA GLN B 164 -2.29 18.25 27.90
C GLN B 164 -2.53 17.48 26.61
N ILE B 165 -2.82 16.18 26.72
CA ILE B 165 -3.13 15.39 25.53
C ILE B 165 -4.39 15.91 24.87
N GLN B 166 -5.40 16.27 25.67
CA GLN B 166 -6.62 16.84 25.12
C GLN B 166 -6.28 18.13 24.36
N ALA B 167 -5.43 18.98 24.94
CA ALA B 167 -5.09 20.25 24.31
C ALA B 167 -4.35 20.01 22.99
N ILE B 168 -3.50 18.98 22.96
CA ILE B 168 -2.86 18.63 21.69
C ILE B 168 -3.90 18.20 20.67
N PHE B 169 -4.85 17.37 21.09
CA PHE B 169 -5.88 16.96 20.14
C PHE B 169 -6.65 18.17 19.63
N GLU B 170 -7.06 19.08 20.52
CA GLU B 170 -7.83 20.24 20.06
C GLU B 170 -7.02 21.07 19.07
N GLN B 171 -5.72 21.25 19.35
CA GLN B 171 -4.83 21.97 18.45
C GLN B 171 -4.85 21.35 17.05
N ASP B 172 -4.67 20.02 16.97
CA ASP B 172 -4.55 19.38 15.66
C ASP B 172 -5.91 19.24 14.95
N TRP B 173 -6.98 19.02 15.70
CA TRP B 173 -8.34 18.99 15.15
C TRP B 173 -8.67 20.32 14.47
N ARG B 174 -8.39 21.41 15.19
CA ARG B 174 -8.61 22.74 14.63
C ARG B 174 -7.66 23.01 13.45
N ALA B 175 -6.39 22.60 13.55
CA ALA B 175 -5.47 22.77 12.44
C ALA B 175 -6.01 22.11 11.17
N GLN B 176 -6.59 20.91 11.31
CA GLN B 176 -7.11 20.23 10.13
C GLN B 176 -8.21 21.07 9.51
N ALA B 177 -9.08 21.66 10.35
CA ALA B 177 -10.16 22.47 9.78
C ALA B 177 -9.60 23.73 9.12
N LEU B 178 -8.56 24.32 9.70
CA LEU B 178 -7.95 25.50 9.11
C LEU B 178 -7.33 25.17 7.77
N LEU B 179 -6.60 24.05 7.68
CA LEU B 179 -6.01 23.64 6.41
C LEU B 179 -7.10 23.40 5.37
N THR B 180 -8.19 22.76 5.78
CA THR B 180 -9.28 22.52 4.84
C THR B 180 -9.84 23.84 4.30
N ALA B 181 -9.89 24.88 5.13
CA ALA B 181 -10.43 26.17 4.72
C ALA B 181 -9.36 27.08 4.08
N ASP B 182 -8.20 26.51 3.72
CA ASP B 182 -7.06 27.24 3.17
C ASP B 182 -6.67 28.44 4.04
N LYS B 183 -6.66 28.25 5.33
CA LYS B 183 -6.20 29.25 6.28
C LYS B 183 -4.84 28.87 6.84
N PRO B 184 -4.00 29.83 7.18
CA PRO B 184 -2.72 29.47 7.82
C PRO B 184 -2.96 28.88 9.21
N VAL B 185 -2.11 27.93 9.60
CA VAL B 185 -2.15 27.36 10.93
C VAL B 185 -1.03 28.01 11.73
N PRO B 186 -1.35 28.94 12.62
CA PRO B 186 -0.28 29.67 13.33
C PRO B 186 0.58 28.73 14.16
N GLN B 187 1.88 28.98 14.13
CA GLN B 187 2.84 28.28 14.96
C GLN B 187 2.80 28.81 16.39
N LEU B 188 3.16 27.94 17.32
CA LEU B 188 3.10 28.25 18.75
C LEU B 188 4.50 28.59 19.29
N THR B 189 4.57 29.59 20.17
CA THR B 189 5.82 29.96 20.85
C THR B 189 6.33 28.87 21.79
N TYR B 190 7.65 28.69 21.82
CA TYR B 190 8.31 27.78 22.76
C TYR B 190 8.77 28.58 23.98
N GLN B 191 8.17 28.32 25.16
CA GLN B 191 8.49 29.07 26.39
C GLN B 191 8.68 28.14 27.59
N PRO B 192 9.75 27.36 27.61
CA PRO B 192 10.01 26.43 28.72
C PRO B 192 10.48 27.14 29.99
N THR B 193 10.20 26.48 31.10
CA THR B 193 10.71 26.84 32.42
C THR B 193 12.11 26.32 32.70
N ALA B 194 12.89 27.10 33.47
CA ALA B 194 14.18 26.63 33.97
C ALA B 194 14.02 25.46 34.94
N ALA B 195 12.84 25.32 35.56
CA ALA B 195 12.57 24.21 36.47
C ALA B 195 12.63 22.89 35.71
N THR B 196 13.49 21.97 36.12
CA THR B 196 13.59 20.70 35.42
C THR B 196 12.31 19.90 35.66
N PRO B 197 11.81 19.19 34.68
CA PRO B 197 10.65 18.33 34.96
C PRO B 197 10.91 17.22 36.00
N GLN B 198 9.81 16.93 36.71
CA GLN B 198 9.63 15.85 37.69
C GLN B 198 8.26 15.22 37.68
N GLY B 199 8.24 14.07 38.37
CA GLY B 199 7.10 13.21 38.51
C GLY B 199 6.87 12.54 37.18
N ASN B 200 5.61 12.58 36.79
CA ASN B 200 5.11 11.95 35.58
C ASN B 200 4.65 13.06 34.67
N TYR B 201 5.07 13.02 33.40
CA TYR B 201 4.70 14.10 32.53
C TYR B 201 4.76 13.66 31.08
N LEU B 202 3.98 14.36 30.28
CA LEU B 202 3.96 14.19 28.84
C LEU B 202 5.14 14.92 28.23
N VAL B 203 5.71 14.35 27.17
CA VAL B 203 6.55 15.12 26.25
C VAL B 203 5.98 14.89 24.86
N ALA B 204 6.16 15.87 23.97
CA ALA B 204 5.49 15.74 22.68
C ALA B 204 6.28 16.47 21.62
N SER B 205 5.94 16.17 20.39
CA SER B 205 6.48 16.84 19.22
C SER B 205 5.33 17.10 18.25
N PRO B 206 5.47 18.08 17.34
CA PRO B 206 6.62 18.99 17.21
C PRO B 206 6.48 20.26 18.05
N ARG B 207 7.63 20.79 18.49
CA ARG B 207 7.67 22.01 19.29
C ARG B 207 6.72 23.08 18.77
N ALA B 208 6.73 23.32 17.45
CA ALA B 208 5.97 24.42 16.84
C ALA B 208 4.47 24.29 17.03
N TYR B 209 3.95 23.11 17.36
CA TYR B 209 2.53 22.95 17.59
C TYR B 209 2.22 22.35 18.95
N ASN B 210 3.13 22.56 19.92
CA ASN B 210 2.89 22.09 21.29
C ASN B 210 2.21 23.19 22.07
N PRO B 211 1.03 22.95 22.65
CA PRO B 211 0.37 23.96 23.50
C PRO B 211 1.20 24.30 24.71
N ALA B 212 0.76 25.35 25.42
CA ALA B 212 1.48 25.86 26.57
C ALA B 212 1.77 24.76 27.57
N GLY B 213 3.00 24.74 28.06
CA GLY B 213 3.42 23.82 29.11
C GLY B 213 3.78 22.42 28.65
N VAL B 214 3.53 22.08 27.39
CA VAL B 214 3.90 20.76 26.89
C VAL B 214 5.40 20.76 26.60
N ILE B 215 6.13 19.84 27.24
CA ILE B 215 7.57 19.72 27.08
C ILE B 215 7.91 19.15 25.70
N ASP B 216 8.89 19.77 25.03
CA ASP B 216 9.40 19.31 23.75
C ASP B 216 10.19 18.01 23.92
N SER B 217 9.72 16.92 23.30
CA SER B 217 10.39 15.63 23.45
C SER B 217 11.82 15.64 22.89
N GLN B 218 12.06 16.44 21.86
CA GLN B 218 13.38 16.48 21.26
C GLN B 218 14.42 17.12 22.18
N VAL B 219 13.97 17.91 23.16
CA VAL B 219 14.84 18.47 24.20
C VAL B 219 14.93 17.53 25.40
N GLU B 220 13.79 16.98 25.79
CA GLU B 220 13.70 16.19 27.01
C GLU B 220 14.45 14.87 26.89
N LEU B 221 14.35 14.18 25.73
CA LEU B 221 15.04 12.89 25.65
C LEU B 221 16.56 13.05 25.87
N PRO B 222 17.25 13.97 25.19
CA PRO B 222 18.68 14.15 25.53
C PRO B 222 18.92 14.57 26.98
N ARG B 223 18.03 15.35 27.59
CA ARG B 223 18.21 15.75 28.99
C ARG B 223 18.16 14.52 29.90
N LEU B 224 17.17 13.64 29.66
CA LEU B 224 17.03 12.44 30.48
C LEU B 224 18.25 11.56 30.32
N LEU B 225 18.73 11.41 29.08
CA LEU B 225 19.89 10.57 28.85
C LEU B 225 21.13 11.18 29.49
N ALA B 226 21.23 12.51 29.52
CA ALA B 226 22.38 13.17 30.15
C ALA B 226 22.37 12.94 31.65
N SER B 227 21.21 12.69 32.24
CA SER B 227 21.13 12.46 33.68
C SER B 227 21.33 10.99 34.06
N ALA B 228 21.40 10.08 33.09
CA ALA B 228 21.60 8.67 33.40
C ALA B 228 22.96 8.42 34.07
N LYS B 229 22.96 7.56 35.08
CA LYS B 229 24.17 7.27 35.83
C LYS B 229 24.63 5.83 35.71
N GLN B 230 23.72 4.88 35.45
CA GLN B 230 24.10 3.48 35.55
C GLN B 230 23.73 2.67 34.32
N ARG B 231 22.45 2.68 33.93
CA ARG B 231 22.02 1.84 32.82
C ARG B 231 20.85 2.49 32.10
N VAL B 232 20.94 2.53 30.78
CA VAL B 232 19.85 2.96 29.93
C VAL B 232 19.45 1.75 29.10
N ARG B 233 18.18 1.39 29.13
CA ARG B 233 17.64 0.34 28.27
C ARG B 233 16.66 0.98 27.31
N VAL B 234 16.81 0.67 26.03
CA VAL B 234 15.96 1.22 24.98
C VAL B 234 15.43 0.05 24.15
N GLN B 235 14.14 0.07 23.85
CA GLN B 235 13.53 -0.80 22.88
C GLN B 235 12.73 0.05 21.92
N VAL B 236 12.98 -0.10 20.63
CA VAL B 236 12.21 0.55 19.58
C VAL B 236 12.01 -0.46 18.47
N MET B 237 11.36 -0.02 17.41
N MET B 237 11.37 -0.02 17.41
CA MET B 237 11.23 -0.91 16.22
CA MET B 237 11.24 -0.93 16.25
C MET B 237 12.50 -0.63 15.43
C MET B 237 12.46 -0.63 15.36
N ASP B 238 12.81 0.65 15.23
CA ASP B 238 14.03 0.96 14.51
C ASP B 238 14.76 2.13 15.17
N TYR B 239 16.06 2.00 15.14
CA TYR B 239 17.00 3.03 15.57
C TYR B 239 17.90 3.38 14.39
N ALA B 240 18.00 4.67 14.07
CA ALA B 240 18.99 5.06 13.06
C ALA B 240 19.30 6.54 13.24
N PRO B 241 20.57 6.95 13.19
CA PRO B 241 20.87 8.39 13.26
C PRO B 241 20.65 9.07 11.91
N LEU B 242 19.45 8.90 11.37
CA LEU B 242 19.16 9.32 10.00
C LEU B 242 17.75 9.88 9.93
N SER B 243 17.55 10.85 9.04
CA SER B 243 16.25 11.37 8.68
C SER B 243 15.83 10.82 7.33
N TYR B 244 14.57 11.07 6.99
CA TYR B 244 14.03 10.75 5.67
C TYR B 244 14.05 12.06 4.92
N GLY B 245 14.99 12.22 4.03
CA GLY B 245 15.12 13.50 3.43
C GLY B 245 14.35 13.47 2.15
N PRO B 246 14.44 14.52 1.16
CA PRO B 246 13.89 14.76 -0.41
C PRO B 246 14.54 13.61 -1.17
N GLU B 247 13.93 13.16 -2.25
CA GLU B 247 14.46 12.11 -3.16
C GLU B 247 15.06 10.88 -2.47
N ARG B 248 14.38 10.36 -1.45
CA ARG B 248 14.81 9.11 -0.74
C ARG B 248 16.23 9.19 -0.15
N SER B 249 16.73 10.39 0.04
CA SER B 249 17.97 10.64 0.77
C SER B 249 17.76 10.37 2.26
N ARG B 250 18.88 10.08 2.97
CA ARG B 250 18.84 9.82 4.41
C ARG B 250 19.90 10.67 5.11
N PRO B 251 19.62 11.96 5.32
CA PRO B 251 20.61 12.81 5.99
C PRO B 251 20.83 12.42 7.43
N TYR B 252 22.04 12.67 7.90
CA TYR B 252 22.37 12.39 9.30
C TYR B 252 21.46 13.16 10.24
N TYR B 253 21.06 12.48 11.33
CA TYR B 253 20.26 13.05 12.41
C TYR B 253 20.97 12.73 13.73
N ALA B 254 21.47 13.75 14.41
CA ALA B 254 22.46 13.52 15.47
C ALA B 254 21.88 13.53 16.88
N VAL B 255 20.71 14.10 17.10
CA VAL B 255 20.22 14.46 18.44
C VAL B 255 20.27 13.27 19.39
N ILE B 256 19.66 12.16 18.98
CA ILE B 256 19.52 11.04 19.88
C ILE B 256 20.84 10.31 20.00
N ASP B 257 21.46 10.07 18.86
CA ASP B 257 22.71 9.35 18.82
C ASP B 257 23.77 10.07 19.63
N ASN B 258 23.81 11.41 19.55
CA ASN B 258 24.73 12.15 20.40
C ASN B 258 24.43 11.88 21.86
N ALA B 259 23.14 11.87 22.25
CA ALA B 259 22.85 11.65 23.67
C ALA B 259 23.24 10.23 24.13
N LEU B 260 23.02 9.22 23.29
CA LEU B 260 23.39 7.85 23.64
C LEU B 260 24.91 7.69 23.72
N ARG B 261 25.64 8.20 22.72
CA ARG B 261 27.09 8.10 22.75
C ARG B 261 27.65 8.88 23.93
N SER B 262 27.06 10.03 24.27
CA SER B 262 27.51 10.78 25.44
C SER B 262 27.34 9.97 26.72
N ALA B 263 26.18 9.32 26.87
CA ALA B 263 25.94 8.50 28.05
C ALA B 263 26.94 7.36 28.10
N ALA B 264 27.17 6.70 26.95
CA ALA B 264 28.13 5.62 26.91
C ALA B 264 29.53 6.12 27.29
N ALA B 265 29.90 7.32 26.83
CA ALA B 265 31.23 7.84 27.08
C ALA B 265 31.42 8.14 28.56
N ARG B 266 30.36 8.46 29.28
CA ARG B 266 30.61 8.68 30.68
C ARG B 266 30.44 7.38 31.52
N GLY B 267 30.37 6.23 30.86
CA GLY B 267 30.42 4.94 31.50
C GLY B 267 29.08 4.31 31.78
N VAL B 268 28.00 4.89 31.29
CA VAL B 268 26.67 4.33 31.46
C VAL B 268 26.52 3.14 30.54
N GLN B 269 25.95 2.04 31.07
CA GLN B 269 25.69 0.87 30.24
C GLN B 269 24.45 1.15 29.39
N ILE B 270 24.56 0.90 28.09
CA ILE B 270 23.47 1.12 27.16
C ILE B 270 23.04 -0.23 26.62
N GLU B 271 21.75 -0.51 26.71
CA GLU B 271 21.14 -1.68 26.10
C GLU B 271 20.11 -1.21 25.08
N LEU B 272 20.22 -1.72 23.86
CA LEU B 272 19.35 -1.33 22.77
C LEU B 272 18.82 -2.58 22.11
N MET B 273 17.50 -2.65 21.98
CA MET B 273 16.81 -3.78 21.36
C MET B 273 15.97 -3.24 20.22
N VAL B 274 16.15 -3.82 19.02
CA VAL B 274 15.47 -3.34 17.81
C VAL B 274 14.89 -4.54 17.08
N ALA B 275 13.96 -4.25 16.16
CA ALA B 275 13.38 -5.28 15.31
C ALA B 275 14.36 -5.70 14.24
N ASN B 276 14.18 -6.92 13.72
CA ASN B 276 15.01 -7.34 12.58
C ASN B 276 14.81 -6.47 11.35
N TRP B 277 13.68 -5.79 11.25
CA TRP B 277 13.51 -4.88 10.12
C TRP B 277 14.60 -3.83 10.18
N ASN B 278 15.14 -3.52 11.35
CA ASN B 278 16.12 -2.41 11.46
C ASN B 278 17.43 -2.79 10.78
N THR B 279 17.52 -4.03 10.39
CA THR B 279 18.78 -4.55 9.83
C THR B 279 18.91 -4.39 8.34
N LYS B 280 17.98 -3.68 7.72
CA LYS B 280 18.10 -3.24 6.32
C LYS B 280 19.25 -2.23 6.15
N LYS B 281 19.72 -2.12 4.92
CA LYS B 281 20.66 -1.06 4.57
C LYS B 281 19.91 0.24 4.32
N PRO B 282 20.56 1.36 4.64
CA PRO B 282 21.90 1.47 5.22
C PRO B 282 21.93 1.37 6.75
N ASP B 283 20.74 1.38 7.34
CA ASP B 283 20.54 1.43 8.81
C ASP B 283 21.47 0.48 9.58
N ILE B 284 21.61 -0.74 9.11
CA ILE B 284 22.45 -1.74 9.81
C ILE B 284 23.90 -1.27 9.96
N ALA B 285 24.45 -0.52 8.99
CA ALA B 285 25.83 -0.08 9.14
C ALA B 285 25.97 0.85 10.35
N TRP B 286 25.03 1.79 10.49
CA TRP B 286 25.02 2.69 11.64
C TRP B 286 24.75 1.93 12.94
N LEU B 287 23.94 0.86 12.87
CA LEU B 287 23.71 0.05 14.06
C LEU B 287 24.99 -0.68 14.48
N LYS B 288 25.74 -1.21 13.52
CA LYS B 288 27.03 -1.83 13.84
C LYS B 288 28.00 -0.79 14.40
N SER B 289 28.02 0.40 13.80
CA SER B 289 28.84 1.49 14.33
C SER B 289 28.52 1.75 15.80
N LEU B 290 27.24 1.80 16.15
CA LEU B 290 26.88 2.05 17.54
C LEU B 290 27.26 0.87 18.43
N ALA B 291 27.18 -0.35 17.88
CA ALA B 291 27.56 -1.52 18.66
C ALA B 291 29.03 -1.50 19.06
N LEU B 292 29.88 -0.78 18.32
CA LEU B 292 31.28 -0.74 18.75
C LEU B 292 31.57 0.31 19.81
N VAL B 293 30.61 1.15 20.13
CA VAL B 293 30.81 2.16 21.18
C VAL B 293 30.98 1.47 22.54
N PRO B 294 31.93 1.91 23.36
CA PRO B 294 32.10 1.30 24.69
C PRO B 294 30.80 1.31 25.48
N ASN B 295 30.50 0.18 26.12
CA ASN B 295 29.41 0.05 27.09
C ASN B 295 28.06 -0.14 26.40
N VAL B 296 28.04 -0.37 25.11
CA VAL B 296 26.78 -0.51 24.36
C VAL B 296 26.62 -1.98 24.02
N GLN B 297 25.40 -2.49 24.21
CA GLN B 297 25.00 -3.80 23.75
C GLN B 297 23.74 -3.65 22.92
N ILE B 298 23.70 -4.28 21.75
CA ILE B 298 22.52 -4.25 20.88
C ILE B 298 22.07 -5.68 20.62
N LYS B 299 20.78 -5.91 20.77
CA LYS B 299 20.15 -7.14 20.29
C LYS B 299 19.08 -6.83 19.26
N VAL B 300 18.95 -7.78 18.34
CA VAL B 300 17.96 -7.75 17.28
C VAL B 300 16.95 -8.83 17.57
N VAL B 301 15.66 -8.49 17.53
CA VAL B 301 14.58 -9.41 17.83
C VAL B 301 13.89 -9.80 16.53
N THR B 302 13.69 -11.11 16.35
CA THR B 302 12.96 -11.66 15.22
C THR B 302 11.78 -12.43 15.77
N ILE B 303 10.58 -11.96 15.44
CA ILE B 303 9.38 -12.67 15.84
C ILE B 303 9.07 -13.67 14.74
N PRO B 304 8.86 -14.95 15.05
CA PRO B 304 8.62 -15.95 13.99
C PRO B 304 7.29 -15.74 13.29
N PRO B 305 7.18 -16.21 12.03
CA PRO B 305 5.90 -16.16 11.32
C PRO B 305 4.77 -16.82 12.10
N ALA B 306 3.58 -16.26 11.99
CA ALA B 306 2.40 -16.89 12.56
C ALA B 306 2.00 -18.10 11.73
N SER B 307 1.42 -19.09 12.41
CA SER B 307 0.88 -20.25 11.72
C SER B 307 -0.22 -19.84 10.75
N HIS B 308 -0.80 -18.66 10.98
CA HIS B 308 -1.87 -18.16 10.11
C HIS B 308 -1.37 -17.94 8.69
N GLY B 309 -0.07 -17.76 8.50
CA GLY B 309 0.36 -17.59 7.13
C GLY B 309 0.90 -16.20 6.89
N PHE B 310 0.77 -15.76 5.65
CA PHE B 310 1.13 -14.42 5.18
C PHE B 310 0.48 -13.33 6.02
N ILE B 311 1.29 -12.53 6.71
CA ILE B 311 0.77 -11.31 7.33
C ILE B 311 1.75 -10.18 7.04
N PRO B 312 1.38 -9.22 6.21
CA PRO B 312 2.30 -8.10 5.93
C PRO B 312 2.44 -7.17 7.13
N PHE B 313 3.65 -6.67 7.32
CA PHE B 313 3.96 -5.63 8.32
C PHE B 313 3.47 -6.01 9.71
N ALA B 314 3.78 -7.24 10.10
CA ALA B 314 3.44 -7.74 11.43
C ALA B 314 4.54 -8.71 11.84
N ARG B 315 4.32 -9.40 12.96
CA ARG B 315 5.28 -10.36 13.51
C ARG B 315 6.61 -9.63 13.72
N VAL B 316 6.56 -8.67 14.64
CA VAL B 316 7.65 -7.72 14.83
C VAL B 316 7.46 -7.08 16.20
N ILE B 317 8.51 -6.46 16.72
CA ILE B 317 8.37 -5.65 17.94
C ILE B 317 8.18 -4.19 17.55
N HIS B 318 7.21 -3.53 18.21
CA HIS B 318 6.86 -2.14 17.97
C HIS B 318 6.94 -1.28 19.23
N SER B 319 6.92 -1.87 20.43
CA SER B 319 7.00 -1.09 21.65
C SER B 319 8.17 -0.12 21.62
N LYS B 320 7.91 1.08 22.07
CA LYS B 320 8.94 2.09 22.20
C LYS B 320 9.11 2.46 23.66
N LEU B 321 10.09 1.84 24.29
CA LEU B 321 10.30 1.85 25.74
C LEU B 321 11.72 2.29 26.05
N MET B 322 11.87 2.90 27.23
CA MET B 322 13.17 3.19 27.80
C MET B 322 13.06 3.10 29.31
N THR B 323 14.06 2.51 29.94
CA THR B 323 14.23 2.70 31.39
C THR B 323 15.61 3.29 31.67
N ILE B 324 15.67 4.16 32.68
CA ILE B 324 16.94 4.73 33.15
C ILE B 324 17.10 4.45 34.65
N ASP B 325 18.17 3.72 35.01
CA ASP B 325 18.70 3.59 36.36
C ASP B 325 17.69 2.95 37.31
N GLY B 326 16.76 2.19 36.75
CA GLY B 326 15.64 1.68 37.49
C GLY B 326 14.81 2.78 38.08
N GLU B 327 14.92 4.01 37.59
CA GLU B 327 14.11 4.95 38.35
C GLU B 327 13.14 5.67 37.43
N THR B 328 13.47 5.75 36.12
CA THR B 328 12.64 6.46 35.15
C THR B 328 12.18 5.54 34.04
N ALA B 329 10.92 5.67 33.67
CA ALA B 329 10.28 4.93 32.59
C ALA B 329 9.87 5.89 31.49
N TRP B 330 10.00 5.43 30.26
CA TRP B 330 9.62 6.09 29.03
C TRP B 330 8.77 5.14 28.21
N VAL B 331 7.56 5.56 27.84
CA VAL B 331 6.70 4.80 26.94
C VAL B 331 6.21 5.76 25.88
N GLY B 332 6.52 5.50 24.60
CA GLY B 332 6.26 6.50 23.59
C GLY B 332 5.67 5.96 22.29
N THR B 333 5.40 6.89 21.39
CA THR B 333 4.91 6.58 20.04
C THR B 333 6.03 6.64 19.00
N SER B 334 7.21 7.13 19.36
CA SER B 334 8.26 7.42 18.39
C SER B 334 9.28 6.31 18.32
N ASN B 335 9.66 5.92 17.11
CA ASN B 335 10.94 5.25 16.94
C ASN B 335 12.06 6.28 17.03
N TRP B 336 13.29 5.79 17.11
CA TRP B 336 14.39 6.68 17.40
C TRP B 336 15.20 6.90 16.13
N THR B 337 14.58 7.59 15.18
CA THR B 337 15.26 8.04 13.98
C THR B 337 14.85 9.50 13.84
N GLY B 338 15.43 10.19 12.87
CA GLY B 338 14.92 11.49 12.52
C GLY B 338 13.52 11.35 11.96
N GLY B 339 12.72 12.40 12.10
CA GLY B 339 11.39 12.32 11.54
C GLY B 339 10.30 12.02 12.55
N TYR B 340 10.64 11.88 13.82
CA TYR B 340 9.67 11.60 14.88
C TYR B 340 9.59 12.77 15.87
N LEU B 341 10.71 13.10 16.51
CA LEU B 341 10.73 14.11 17.55
C LEU B 341 10.86 15.52 16.99
N ASP B 342 11.23 15.65 15.72
CA ASP B 342 11.42 16.96 15.13
C ASP B 342 10.23 17.42 14.31
N ASN B 343 9.71 16.61 13.40
CA ASN B 343 8.79 17.17 12.43
C ASN B 343 7.43 16.48 12.41
N SER B 344 7.17 15.57 13.33
CA SER B 344 5.93 14.80 13.32
C SER B 344 5.23 14.97 14.66
N ARG B 345 3.92 14.77 14.65
CA ARG B 345 3.16 14.68 15.90
C ARG B 345 3.39 13.34 16.55
N ASN B 346 4.03 13.36 17.73
CA ASN B 346 4.30 12.18 18.55
C ASN B 346 4.13 12.55 20.02
N LEU B 347 3.90 11.54 20.83
CA LEU B 347 3.68 11.68 22.27
C LEU B 347 4.49 10.63 23.00
N GLU B 348 5.10 11.02 24.10
CA GLU B 348 5.81 10.03 24.94
C GLU B 348 5.48 10.35 26.40
N LEU B 349 5.44 9.34 27.24
CA LEU B 349 5.20 9.53 28.69
C LEU B 349 6.49 9.26 29.44
N VAL B 350 6.86 10.19 30.29
CA VAL B 350 8.03 10.07 31.16
C VAL B 350 7.51 9.88 32.57
N LEU B 351 7.85 8.76 33.20
CA LEU B 351 7.34 8.42 34.53
C LEU B 351 8.53 8.26 35.46
N HIS B 352 8.76 9.21 36.35
CA HIS B 352 9.79 9.00 37.37
C HIS B 352 9.19 8.14 38.47
N SER B 353 9.14 6.83 38.20
CA SER B 353 8.42 5.88 39.04
C SER B 353 9.27 4.62 39.11
N PRO B 354 9.92 4.35 40.26
CA PRO B 354 10.63 3.07 40.39
C PRO B 354 9.75 1.86 40.14
N ALA B 355 8.47 1.91 40.53
CA ALA B 355 7.56 0.79 40.32
C ALA B 355 7.34 0.53 38.83
N MET B 356 7.02 1.59 38.08
CA MET B 356 6.82 1.43 36.64
C MET B 356 8.11 1.04 35.95
N SER B 357 9.23 1.63 36.38
CA SER B 357 10.51 1.27 35.78
C SER B 357 10.80 -0.20 36.02
N GLN B 358 10.51 -0.70 37.21
CA GLN B 358 10.75 -2.09 37.50
C GLN B 358 9.90 -2.99 36.61
N ARG B 359 8.63 -2.66 36.46
CA ARG B 359 7.77 -3.51 35.61
C ARG B 359 8.23 -3.44 34.15
N LEU B 360 8.63 -2.25 33.69
CA LEU B 360 9.11 -2.14 32.33
C LEU B 360 10.42 -2.88 32.16
N ASP B 361 11.26 -2.87 33.19
CA ASP B 361 12.52 -3.62 33.15
C ASP B 361 12.25 -5.11 33.10
N THR B 362 11.20 -5.57 33.77
CA THR B 362 10.82 -6.98 33.66
C THR B 362 10.33 -7.30 32.24
N LEU B 363 9.53 -6.42 31.66
CA LEU B 363 9.08 -6.62 30.27
C LEU B 363 10.28 -6.62 29.31
N TYR B 364 11.23 -5.71 29.55
CA TYR B 364 12.41 -5.61 28.71
C TYR B 364 13.26 -6.87 28.83
N SER B 365 13.50 -7.32 30.07
CA SER B 365 14.28 -8.53 30.29
C SER B 365 13.62 -9.74 29.66
N GLN B 366 12.29 -9.82 29.74
CA GLN B 366 11.57 -10.93 29.12
C GLN B 366 11.91 -11.02 27.65
N LEU B 367 11.92 -9.88 26.96
CA LEU B 367 12.27 -9.92 25.53
C LEU B 367 13.78 -10.11 25.30
N TRP B 368 14.61 -9.34 26.01
CA TRP B 368 16.09 -9.41 25.90
C TRP B 368 16.62 -10.81 26.14
N ASP B 369 16.04 -11.53 27.10
CA ASP B 369 16.50 -12.86 27.49
C ASP B 369 15.82 -13.97 26.70
N SER B 370 14.92 -13.64 25.78
CA SER B 370 14.11 -14.64 25.10
C SER B 370 14.86 -15.28 23.94
N VAL B 371 14.28 -16.36 23.43
CA VAL B 371 14.83 -17.04 22.27
C VAL B 371 14.71 -16.20 21.00
N TYR B 372 13.96 -15.11 21.04
CA TYR B 372 13.68 -14.28 19.87
C TYR B 372 14.74 -13.21 19.65
N ALA B 373 15.55 -12.92 20.68
CA ALA B 373 16.55 -11.85 20.66
C ALA B 373 17.94 -12.45 20.47
N GLU B 374 18.75 -11.80 19.63
CA GLU B 374 20.12 -12.21 19.40
C GLU B 374 21.05 -11.00 19.37
N PRO B 375 22.25 -11.11 19.92
CA PRO B 375 23.23 -10.01 19.81
C PRO B 375 23.45 -9.67 18.34
N ILE B 376 23.60 -8.38 18.07
CA ILE B 376 24.04 -7.96 16.74
C ILE B 376 25.35 -8.68 16.38
N LYS B 377 25.49 -9.05 15.10
CA LYS B 377 26.64 -9.81 14.60
C LYS B 377 27.42 -8.88 13.67
N LEU B 378 28.56 -8.40 14.17
CA LEU B 378 29.35 -7.41 13.43
C LEU B 378 29.82 -7.95 12.08
N ASP B 379 30.10 -9.25 11.97
CA ASP B 379 30.69 -9.87 10.78
C ASP B 379 29.64 -10.38 9.82
N TYR B 380 28.38 -10.25 10.18
CA TYR B 380 27.30 -10.88 9.45
C TYR B 380 26.70 -9.94 8.43
N ASP B 381 26.50 -10.44 7.22
CA ASP B 381 25.82 -9.69 6.17
C ASP B 381 24.33 -10.01 6.33
N TYR B 382 23.59 -9.12 6.99
CA TYR B 382 22.19 -9.39 7.27
C TYR B 382 21.39 -9.39 5.97
N PRO B 383 20.65 -10.46 5.67
CA PRO B 383 19.81 -10.43 4.47
C PRO B 383 18.75 -9.34 4.61
N ALA B 384 18.36 -8.79 3.47
CA ALA B 384 17.34 -7.76 3.47
C ALA B 384 16.09 -8.30 4.16
N PRO B 385 15.61 -7.66 5.22
CA PRO B 385 14.32 -8.06 5.77
C PRO B 385 13.25 -7.78 4.73
N LYS B 386 12.16 -8.52 4.83
CA LYS B 386 11.08 -8.40 3.86
C LYS B 386 9.84 -8.13 4.71
N PRO B 387 9.72 -6.91 5.26
CA PRO B 387 8.61 -6.62 6.18
C PRO B 387 7.26 -6.73 5.51
N GLY B 388 7.19 -6.52 4.19
CA GLY B 388 5.92 -6.71 3.53
C GLY B 388 5.45 -8.14 3.59
N GLY B 389 6.31 -9.04 4.11
CA GLY B 389 5.94 -10.37 4.54
C GLY B 389 5.81 -11.39 3.45
N GLU B 390 6.52 -11.25 2.33
CA GLU B 390 5.94 -11.89 1.17
C GLU B 390 6.30 -13.33 1.34
S SO4 C . -5.01 -0.49 -26.06
O1 SO4 C . -6.08 -1.33 -26.64
O2 SO4 C . -5.68 0.66 -25.47
O3 SO4 C . -4.22 -1.22 -25.06
O4 SO4 C . -4.11 0.05 -27.10
#